data_4NSQ
#
_entry.id   4NSQ
#
_cell.length_a   65.570
_cell.length_b   65.570
_cell.length_c   187.622
_cell.angle_alpha   90.00
_cell.angle_beta   90.00
_cell.angle_gamma   90.00
#
_symmetry.space_group_name_H-M   'P 43'
#
loop_
_entity.id
_entity.type
_entity.pdbx_description
1 polymer 'Histone acetyltransferase KAT2B'
2 non-polymer 'COENZYME A'
#
_entity_poly.entity_id   1
_entity_poly.type   'polypeptide(L)'
_entity_poly.pdbx_seq_one_letter_code
;MGSSHHHHHHSSGLVPRGSHMASKVIEFHVVGNSLNQKPNKKILMWLVGLQNVFSHQLPRMPKEYITRLVFDPKHKTLAL
IKDGRVIGGICFRMFPSQGFTEIVFCAVTSNEQVKGYGTHLMNHLKEYHIKHDILNFLTYADEYAIGYFKKQGFSKEIKI
PKTKYVGYIKDYEGATLMGCELNPRIPYTE
;
_entity_poly.pdbx_strand_id   A,B,C,D
#
loop_
_chem_comp.id
_chem_comp.type
_chem_comp.name
_chem_comp.formula
COA non-polymer 'COENZYME A' 'C21 H36 N7 O16 P3 S'
#
# COMPACT_ATOMS: atom_id res chain seq x y z
N LYS A 24 -16.60 11.58 13.30
CA LYS A 24 -17.66 12.40 13.90
C LYS A 24 -17.39 12.60 15.40
N VAL A 25 -16.96 11.54 16.08
CA VAL A 25 -16.40 11.68 17.43
C VAL A 25 -15.00 11.08 17.46
N ILE A 26 -14.06 11.85 17.99
CA ILE A 26 -12.65 11.51 17.89
C ILE A 26 -11.89 11.85 19.16
N GLU A 27 -11.24 10.89 19.77
CA GLU A 27 -10.68 11.09 21.09
C GLU A 27 -9.20 10.74 21.12
N PHE A 28 -8.48 11.37 22.05
CA PHE A 28 -7.07 11.08 22.27
C PHE A 28 -6.89 10.64 23.69
N HIS A 29 -6.33 9.44 23.86
CA HIS A 29 -6.03 8.92 25.21
C HIS A 29 -4.62 8.40 25.29
N VAL A 30 -3.90 8.88 26.29
CA VAL A 30 -2.67 8.24 26.69
C VAL A 30 -3.09 7.05 27.54
N VAL A 31 -2.74 5.85 27.08
CA VAL A 31 -3.03 4.62 27.82
C VAL A 31 -1.76 3.85 28.11
N GLY A 32 -1.96 2.76 28.83
CA GLY A 32 -0.88 2.14 29.58
C GLY A 32 -1.32 0.88 30.30
N ASN A 33 -0.40 -0.05 30.39
CA ASN A 33 -0.62 -1.29 31.11
C ASN A 33 0.24 -1.29 32.37
N SER A 34 -0.31 -0.75 33.45
CA SER A 34 0.47 -0.51 34.66
C SER A 34 0.05 -1.39 35.85
N PRO A 39 -5.77 -3.31 35.19
CA PRO A 39 -5.88 -3.13 33.74
C PRO A 39 -7.33 -3.26 33.29
N ASN A 40 -8.06 -2.15 33.27
CA ASN A 40 -9.50 -2.17 33.04
C ASN A 40 -9.93 -2.62 31.64
N LYS A 41 -11.18 -3.05 31.53
CA LYS A 41 -11.65 -3.73 30.33
C LYS A 41 -11.58 -2.90 29.05
N LYS A 42 -11.89 -1.61 29.18
CA LYS A 42 -12.01 -0.74 28.02
C LYS A 42 -10.66 -0.42 27.39
N ILE A 43 -9.70 -0.04 28.22
CA ILE A 43 -8.36 0.28 27.72
C ILE A 43 -7.72 -0.99 27.15
N LEU A 44 -8.11 -2.11 27.71
CA LEU A 44 -7.56 -3.37 27.25
C LEU A 44 -7.94 -3.65 25.80
N MET A 45 -9.22 -3.42 25.49
CA MET A 45 -9.71 -3.48 24.10
C MET A 45 -8.92 -2.51 23.22
N TRP A 46 -8.59 -1.35 23.79
CA TRP A 46 -7.83 -0.32 23.09
C TRP A 46 -6.40 -0.74 22.92
N LEU A 47 -5.86 -1.46 23.92
CA LEU A 47 -4.48 -1.94 23.87
C LEU A 47 -4.34 -2.97 22.77
N VAL A 48 -5.36 -3.82 22.63
CA VAL A 48 -5.37 -4.85 21.58
C VAL A 48 -5.56 -4.16 20.21
N GLY A 49 -6.46 -3.19 20.21
CA GLY A 49 -6.71 -2.46 18.98
C GLY A 49 -5.44 -1.77 18.50
N LEU A 50 -4.67 -1.23 19.43
CA LEU A 50 -3.42 -0.55 19.07
C LEU A 50 -2.40 -1.54 18.54
N GLN A 51 -2.32 -2.68 19.21
CA GLN A 51 -1.40 -3.72 18.78
C GLN A 51 -1.79 -4.14 17.35
N ASN A 52 -3.10 -4.26 17.09
CA ASN A 52 -3.60 -4.69 15.79
C ASN A 52 -3.26 -3.64 14.74
N VAL A 53 -3.51 -2.35 15.04
CA VAL A 53 -3.15 -1.25 14.13
C VAL A 53 -1.64 -1.23 13.80
N PHE A 54 -0.81 -1.38 14.83
CA PHE A 54 0.65 -1.35 14.66
C PHE A 54 1.15 -2.50 13.80
N SER A 55 0.63 -3.70 14.06
CA SER A 55 1.15 -4.89 13.39
C SER A 55 0.77 -4.85 11.88
N HIS A 56 -0.34 -4.20 11.58
CA HIS A 56 -0.75 -4.06 10.19
C HIS A 56 0.10 -3.09 9.37
N GLN A 57 0.49 -1.98 9.97
CA GLN A 57 1.28 -0.97 9.29
C GLN A 57 2.77 -1.32 9.31
N LEU A 58 3.29 -1.57 10.50
CA LEU A 58 4.71 -1.91 10.66
C LEU A 58 4.98 -3.38 10.35
N PRO A 59 5.17 -3.67 9.06
CA PRO A 59 5.46 -5.05 8.63
C PRO A 59 6.81 -5.55 9.10
N ARG A 60 7.75 -4.62 9.29
CA ARG A 60 9.09 -4.97 9.76
C ARG A 60 9.16 -5.21 11.27
N MET A 61 8.01 -5.15 11.93
CA MET A 61 7.92 -5.43 13.35
C MET A 61 7.08 -6.69 13.57
N PRO A 62 7.69 -7.70 14.21
CA PRO A 62 7.00 -8.96 14.53
C PRO A 62 5.91 -8.67 15.56
N LYS A 63 4.76 -9.29 15.36
CA LYS A 63 3.60 -9.06 16.20
C LYS A 63 3.90 -9.23 17.69
N GLU A 64 4.70 -10.24 17.99
CA GLU A 64 5.04 -10.56 19.37
C GLU A 64 5.88 -9.44 20.04
N TYR A 65 6.74 -8.82 19.24
CA TYR A 65 7.57 -7.74 19.72
C TYR A 65 6.69 -6.52 20.03
N ILE A 66 5.80 -6.16 19.11
CA ILE A 66 4.84 -5.08 19.32
C ILE A 66 4.06 -5.33 20.62
N THR A 67 3.50 -6.53 20.73
CA THR A 67 2.73 -6.91 21.92
C THR A 67 3.55 -6.73 23.20
N ARG A 68 4.83 -7.05 23.09
CA ARG A 68 5.72 -6.90 24.22
C ARG A 68 5.89 -5.43 24.66
N LEU A 69 6.20 -4.57 23.70
CA LEU A 69 6.43 -3.17 23.99
C LEU A 69 5.13 -2.48 24.35
N VAL A 70 4.10 -2.77 23.58
CA VAL A 70 2.80 -2.15 23.85
C VAL A 70 2.30 -2.40 25.28
N PHE A 71 2.48 -3.63 25.74
CA PHE A 71 2.02 -4.00 27.07
C PHE A 71 3.07 -3.81 28.15
N ASP A 72 4.23 -3.27 27.77
CA ASP A 72 5.28 -2.98 28.73
C ASP A 72 4.90 -1.74 29.53
N PRO A 73 4.88 -1.88 30.87
CA PRO A 73 4.38 -0.81 31.77
C PRO A 73 5.26 0.44 31.78
N LYS A 74 6.45 0.34 31.20
CA LYS A 74 7.33 1.50 31.04
C LYS A 74 7.01 2.26 29.74
N HIS A 75 6.22 1.63 28.89
CA HIS A 75 5.69 2.29 27.69
C HIS A 75 4.24 2.71 27.92
N LYS A 76 3.93 3.93 27.50
CA LYS A 76 2.53 4.32 27.37
C LYS A 76 2.28 4.48 25.88
N THR A 77 1.00 4.43 25.50
CA THR A 77 0.64 4.65 24.10
C THR A 77 -0.43 5.74 24.02
N LEU A 78 -0.24 6.70 23.11
CA LEU A 78 -1.23 7.73 22.89
C LEU A 78 -2.15 7.19 21.79
N ALA A 79 -3.40 6.88 22.14
CA ALA A 79 -4.35 6.24 21.23
C ALA A 79 -5.30 7.26 20.54
N LEU A 80 -5.59 7.01 19.26
CA LEU A 80 -6.52 7.82 18.49
C LEU A 80 -7.81 7.00 18.28
N ILE A 81 -8.84 7.32 19.05
CA ILE A 81 -10.11 6.63 18.94
C ILE A 81 -11.04 7.40 18.01
N LYS A 82 -11.71 6.68 17.12
CA LYS A 82 -12.69 7.29 16.25
C LYS A 82 -13.96 6.44 16.30
N ASP A 83 -15.01 7.01 16.87
CA ASP A 83 -16.32 6.35 16.93
C ASP A 83 -16.19 4.98 17.56
N GLY A 84 -15.55 4.94 18.73
CA GLY A 84 -15.35 3.70 19.46
C GLY A 84 -14.09 2.90 19.13
N ARG A 85 -13.62 3.05 17.89
CA ARG A 85 -12.59 2.18 17.34
C ARG A 85 -11.20 2.82 17.23
N VAL A 86 -10.20 2.09 17.68
CA VAL A 86 -8.83 2.54 17.53
C VAL A 86 -8.47 2.62 16.05
N ILE A 87 -7.88 3.75 15.63
CA ILE A 87 -7.53 3.98 14.22
C ILE A 87 -6.09 4.48 14.09
N GLY A 88 -5.46 4.71 15.23
CA GLY A 88 -4.08 5.17 15.23
C GLY A 88 -3.49 5.21 16.62
N GLY A 89 -2.19 5.49 16.68
CA GLY A 89 -1.54 5.58 17.96
C GLY A 89 -0.06 5.86 17.80
N ILE A 90 0.51 6.40 18.87
CA ILE A 90 1.94 6.47 19.01
C ILE A 90 2.33 5.81 20.31
N CYS A 91 3.20 4.80 20.22
CA CYS A 91 3.76 4.11 21.39
C CYS A 91 5.10 4.81 21.70
N PHE A 92 5.22 5.28 22.94
CA PHE A 92 6.43 6.00 23.31
C PHE A 92 6.96 5.50 24.67
N ARG A 93 8.25 5.69 24.89
CA ARG A 93 8.81 5.46 26.20
C ARG A 93 9.53 6.71 26.74
N MET A 94 9.08 7.18 27.90
CA MET A 94 9.62 8.39 28.49
C MET A 94 10.85 8.12 29.36
N PHE A 95 11.88 8.95 29.18
CA PHE A 95 13.10 8.85 29.97
C PHE A 95 13.36 10.17 30.68
N PRO A 96 12.48 10.52 31.61
CA PRO A 96 12.55 11.80 32.32
C PRO A 96 13.97 12.09 32.86
N SER A 97 14.72 11.03 33.16
CA SER A 97 16.10 11.15 33.67
C SER A 97 17.09 11.59 32.58
N GLN A 98 16.80 11.21 31.34
CA GLN A 98 17.67 11.51 30.20
C GLN A 98 17.24 12.84 29.52
N GLY A 99 16.01 13.27 29.78
CA GLY A 99 15.52 14.48 29.15
C GLY A 99 15.10 14.30 27.68
N PHE A 100 14.52 13.15 27.35
CA PHE A 100 13.97 12.92 26.02
C PHE A 100 12.97 11.77 26.12
N THR A 101 12.22 11.60 25.03
CA THR A 101 11.30 10.48 24.90
C THR A 101 11.60 9.69 23.64
N GLU A 102 11.67 8.38 23.78
CA GLU A 102 11.83 7.52 22.62
C GLU A 102 10.44 7.23 22.01
N ILE A 103 10.31 7.50 20.71
CA ILE A 103 9.10 7.18 19.97
C ILE A 103 9.29 5.84 19.27
N VAL A 104 8.42 4.89 19.59
CA VAL A 104 8.58 3.53 19.10
C VAL A 104 7.78 3.15 17.84
N PHE A 105 6.47 3.01 17.97
CA PHE A 105 5.65 2.48 16.90
C PHE A 105 4.50 3.48 16.75
N CYS A 106 4.56 4.30 15.70
CA CYS A 106 3.50 5.26 15.39
C CYS A 106 2.84 4.85 14.06
N ALA A 107 1.52 4.88 14.03
CA ALA A 107 0.79 4.34 12.88
C ALA A 107 -0.61 4.89 12.85
N VAL A 108 -1.07 5.10 11.63
CA VAL A 108 -2.47 5.37 11.37
C VAL A 108 -2.96 4.27 10.44
N THR A 109 -4.16 3.78 10.72
CA THR A 109 -4.70 2.71 9.91
C THR A 109 -4.93 3.20 8.45
N SER A 110 -4.93 2.26 7.52
CA SER A 110 -4.82 2.54 6.10
C SER A 110 -5.94 3.40 5.52
N ASN A 111 -7.16 3.08 5.91
CA ASN A 111 -8.32 3.89 5.57
C ASN A 111 -8.08 5.37 5.85
N GLU A 112 -7.52 5.65 7.02
CA GLU A 112 -7.50 7.00 7.57
C GLU A 112 -6.19 7.76 7.37
N GLN A 113 -5.36 7.28 6.44
CA GLN A 113 -4.10 7.91 6.14
C GLN A 113 -4.27 9.11 5.20
N VAL A 114 -3.39 10.09 5.35
CA VAL A 114 -3.55 11.38 4.67
C VAL A 114 -4.91 12.03 4.96
N LYS A 115 -5.20 12.23 6.25
CA LYS A 115 -6.29 13.11 6.64
C LYS A 115 -5.79 13.99 7.78
N GLY A 116 -4.47 13.97 8.00
CA GLY A 116 -3.84 14.79 9.04
C GLY A 116 -3.87 14.19 10.46
N TYR A 117 -4.42 12.99 10.59
CA TYR A 117 -4.50 12.34 11.90
C TYR A 117 -3.10 12.15 12.52
N GLY A 118 -2.15 11.74 11.69
CA GLY A 118 -0.81 11.49 12.19
C GLY A 118 -0.11 12.75 12.73
N THR A 119 -0.41 13.88 12.12
CA THR A 119 0.14 15.15 12.58
C THR A 119 -0.54 15.58 13.89
N HIS A 120 -1.84 15.37 13.98
CA HIS A 120 -2.53 15.64 15.23
C HIS A 120 -1.97 14.82 16.42
N LEU A 121 -1.70 13.55 16.16
CA LEU A 121 -1.15 12.66 17.20
C LEU A 121 0.20 13.16 17.70
N MET A 122 1.06 13.56 16.77
CA MET A 122 2.35 14.08 17.13
C MET A 122 2.20 15.39 17.88
N ASN A 123 1.26 16.24 17.43
CA ASN A 123 0.99 17.52 18.08
C ASN A 123 0.59 17.29 19.54
N HIS A 124 -0.37 16.39 19.73
CA HIS A 124 -0.91 16.12 21.05
C HIS A 124 0.19 15.50 21.93
N LEU A 125 0.99 14.62 21.31
CA LEU A 125 2.12 13.99 21.99
C LEU A 125 3.01 15.12 22.46
N LYS A 126 3.28 16.08 21.58
CA LYS A 126 4.16 17.22 21.89
C LYS A 126 3.67 18.02 23.09
N GLU A 127 2.35 18.17 23.22
CA GLU A 127 1.75 18.99 24.27
C GLU A 127 1.77 18.25 25.60
N TYR A 128 1.51 16.95 25.55
CA TYR A 128 1.60 16.08 26.71
C TYR A 128 2.99 16.22 27.35
N HIS A 129 4.01 16.28 26.50
CA HIS A 129 5.39 16.29 26.99
C HIS A 129 5.86 17.64 27.54
N ILE A 130 5.30 18.71 27.01
CA ILE A 130 5.63 20.05 27.47
C ILE A 130 5.17 20.20 28.92
N LYS A 131 4.01 19.65 29.24
CA LYS A 131 3.50 19.63 30.61
C LYS A 131 4.48 18.85 31.50
N HIS A 132 4.95 17.71 31.01
CA HIS A 132 5.85 16.85 31.79
C HIS A 132 7.28 17.32 31.70
N ASP A 133 7.54 18.35 30.93
CA ASP A 133 8.89 18.90 30.85
C ASP A 133 9.93 17.95 30.29
N ILE A 134 9.55 17.22 29.25
CA ILE A 134 10.49 16.57 28.37
C ILE A 134 10.38 17.29 27.02
N LEU A 135 11.46 17.94 26.60
CA LEU A 135 11.48 18.77 25.39
C LEU A 135 12.17 18.12 24.20
N ASN A 136 12.43 16.82 24.31
CA ASN A 136 13.16 16.11 23.27
C ASN A 136 12.53 14.82 22.81
N PHE A 137 12.46 14.63 21.49
CA PHE A 137 12.01 13.36 20.94
C PHE A 137 13.12 12.61 20.22
N LEU A 138 13.16 11.29 20.37
CA LEU A 138 14.08 10.48 19.59
C LEU A 138 13.32 9.33 19.01
N THR A 139 13.62 9.03 17.74
CA THR A 139 13.08 7.85 17.09
C THR A 139 14.06 7.26 16.07
N TYR A 140 13.97 5.96 15.79
CA TYR A 140 14.70 5.35 14.70
C TYR A 140 13.72 5.16 13.54
N ALA A 141 13.93 5.92 12.48
CA ALA A 141 12.95 6.04 11.40
C ALA A 141 13.09 5.02 10.27
N ASP A 142 11.97 4.37 9.96
CA ASP A 142 11.84 3.57 8.74
C ASP A 142 12.24 4.47 7.56
N GLU A 143 12.73 3.85 6.47
CA GLU A 143 13.10 4.60 5.27
C GLU A 143 11.92 5.34 4.64
N TYR A 144 10.74 4.74 4.75
CA TYR A 144 9.57 5.22 4.03
C TYR A 144 8.78 6.25 4.79
N ALA A 145 9.21 6.54 6.01
CA ALA A 145 8.49 7.45 6.87
C ALA A 145 9.37 8.56 7.47
N ILE A 146 10.61 8.64 6.99
CA ILE A 146 11.48 9.77 7.27
C ILE A 146 10.80 11.02 6.80
N GLY A 147 10.04 10.91 5.72
CA GLY A 147 9.28 12.04 5.20
C GLY A 147 8.34 12.62 6.25
N TYR A 148 7.60 11.77 6.94
CA TYR A 148 6.59 12.21 7.89
C TYR A 148 7.19 12.86 9.15
N PHE A 149 8.35 12.35 9.57
CA PHE A 149 9.03 12.89 10.74
C PHE A 149 9.63 14.26 10.48
N LYS A 150 10.16 14.45 9.26
CA LYS A 150 10.71 15.73 8.88
C LYS A 150 9.65 16.83 8.89
N LYS A 151 8.39 16.43 8.67
CA LYS A 151 7.28 17.38 8.69
C LYS A 151 6.92 17.79 10.12
N GLN A 152 7.14 16.87 11.05
CA GLN A 152 6.86 17.11 12.47
C GLN A 152 8.05 17.77 13.16
N GLY A 153 9.10 18.05 12.39
CA GLY A 153 10.21 18.82 12.90
C GLY A 153 11.45 18.03 13.27
N PHE A 154 11.40 16.71 13.05
CA PHE A 154 12.54 15.84 13.30
C PHE A 154 13.65 16.13 12.29
N SER A 155 14.89 15.91 12.69
CA SER A 155 16.02 16.07 11.80
C SER A 155 17.00 14.92 12.00
N LYS A 156 17.76 14.61 10.96
CA LYS A 156 18.79 13.59 11.04
C LYS A 156 19.97 14.04 11.92
N GLU A 157 19.96 15.33 12.23
CA GLU A 157 21.03 15.93 12.99
C GLU A 157 20.56 16.22 14.42
N ILE A 158 21.23 15.59 15.37
CA ILE A 158 20.72 15.47 16.72
C ILE A 158 21.45 16.34 17.74
N LYS A 159 20.67 17.03 18.56
CA LYS A 159 21.17 18.11 19.41
C LYS A 159 21.36 17.70 20.87
N ILE A 160 20.84 16.53 21.20
CA ILE A 160 21.11 15.90 22.48
C ILE A 160 22.39 15.07 22.33
N PRO A 161 23.33 15.23 23.29
CA PRO A 161 24.63 14.53 23.25
C PRO A 161 24.48 13.00 23.31
N LYS A 162 25.35 12.29 22.58
CA LYS A 162 25.25 10.84 22.49
C LYS A 162 25.14 10.17 23.85
N THR A 163 25.81 10.75 24.84
CA THR A 163 25.94 10.16 26.16
C THR A 163 24.63 10.12 26.94
N LYS A 164 23.57 10.66 26.32
CA LYS A 164 22.26 10.72 26.96
C LYS A 164 21.32 9.57 26.60
N TYR A 165 21.45 9.05 25.38
CA TYR A 165 20.48 8.13 24.83
C TYR A 165 21.10 6.79 24.41
N VAL A 166 22.37 6.80 24.05
CA VAL A 166 23.07 5.56 23.75
C VAL A 166 22.94 4.56 24.92
N GLY A 167 22.50 3.35 24.63
CA GLY A 167 22.23 2.36 25.65
C GLY A 167 20.76 2.31 26.06
N TYR A 168 20.16 3.48 26.27
CA TYR A 168 18.76 3.54 26.74
C TYR A 168 17.76 3.28 25.61
N ILE A 169 18.11 3.77 24.44
CA ILE A 169 17.22 3.72 23.29
C ILE A 169 17.50 2.52 22.37
N LYS A 170 16.42 1.87 21.92
CA LYS A 170 16.54 0.68 21.07
C LYS A 170 16.97 1.01 19.65
N ASP A 171 18.14 0.52 19.26
CA ASP A 171 18.61 0.70 17.89
C ASP A 171 17.92 -0.32 16.98
N TYR A 172 17.55 0.12 15.77
CA TYR A 172 16.82 -0.74 14.84
C TYR A 172 17.56 -0.88 13.52
N GLU A 173 17.29 -1.98 12.81
CA GLU A 173 18.07 -2.36 11.66
C GLU A 173 17.74 -1.57 10.40
N GLY A 174 18.65 -0.69 10.00
CA GLY A 174 18.40 0.13 8.82
C GLY A 174 17.27 1.14 9.01
N ALA A 175 17.01 1.52 10.26
CA ALA A 175 16.23 2.73 10.53
C ALA A 175 17.23 3.82 10.90
N THR A 176 16.98 5.04 10.45
CA THR A 176 17.88 6.16 10.73
C THR A 176 17.34 6.96 11.92
N LEU A 177 18.26 7.43 12.75
CA LEU A 177 17.90 8.12 13.99
C LEU A 177 17.64 9.60 13.79
N MET A 178 16.50 10.07 14.29
CA MET A 178 16.11 11.46 14.10
C MET A 178 15.70 12.07 15.43
N GLY A 179 16.00 13.35 15.60
CA GLY A 179 15.64 14.04 16.83
C GLY A 179 14.72 15.22 16.62
N CYS A 180 13.97 15.55 17.66
CA CYS A 180 13.14 16.74 17.65
C CYS A 180 13.25 17.45 19.00
N GLU A 181 13.55 18.74 18.97
CA GLU A 181 13.69 19.52 20.19
C GLU A 181 12.52 20.51 20.34
N LEU A 182 11.49 20.09 21.06
CA LEU A 182 10.32 20.93 21.27
C LEU A 182 10.69 22.20 22.04
N ASN A 183 9.69 23.05 22.30
CA ASN A 183 9.91 24.29 23.03
C ASN A 183 8.74 24.63 23.94
N PRO A 184 8.69 25.89 24.38
CA PRO A 184 7.61 26.35 25.27
C PRO A 184 6.43 25.38 25.27
N LYS B 24 18.19 -10.13 -21.12
CA LYS B 24 19.52 -9.87 -20.59
C LYS B 24 19.48 -9.61 -19.08
N VAL B 25 18.79 -8.55 -18.69
CA VAL B 25 18.67 -8.18 -17.28
C VAL B 25 17.22 -7.91 -16.91
N ILE B 26 16.70 -8.69 -15.96
CA ILE B 26 15.32 -8.54 -15.51
C ILE B 26 15.27 -8.22 -14.02
N GLU B 27 14.45 -7.23 -13.67
CA GLU B 27 14.29 -6.81 -12.29
C GLU B 27 12.84 -6.68 -11.84
N PHE B 28 12.61 -6.77 -10.53
CA PHE B 28 11.26 -6.69 -10.00
C PHE B 28 11.39 -5.74 -8.87
N HIS B 29 10.58 -4.70 -8.96
CA HIS B 29 10.58 -3.68 -7.92
C HIS B 29 9.16 -3.26 -7.57
N VAL B 30 8.87 -3.20 -6.27
CA VAL B 30 7.63 -2.60 -5.81
C VAL B 30 7.94 -1.12 -5.58
N VAL B 31 7.37 -0.26 -6.43
CA VAL B 31 7.57 1.17 -6.33
C VAL B 31 6.23 1.87 -6.11
N GLY B 32 6.33 3.12 -5.68
CA GLY B 32 5.17 3.99 -5.59
C GLY B 32 5.64 5.44 -5.60
N ASN B 33 4.71 6.37 -5.81
CA ASN B 33 5.06 7.80 -5.86
C ASN B 33 5.38 8.40 -4.49
N SER B 34 4.78 7.82 -3.45
CA SER B 34 5.19 8.08 -2.09
C SER B 34 6.72 8.10 -2.03
N PRO B 39 10.80 13.62 -7.62
CA PRO B 39 11.32 13.17 -6.33
C PRO B 39 12.61 12.37 -6.52
N ASN B 40 12.49 11.04 -6.55
CA ASN B 40 13.55 10.18 -7.02
C ASN B 40 13.36 9.95 -8.52
N LYS B 41 14.35 10.38 -9.30
CA LYS B 41 14.19 10.42 -10.75
C LYS B 41 14.15 9.04 -11.41
N LYS B 42 14.80 8.08 -10.78
CA LYS B 42 14.77 6.72 -11.30
C LYS B 42 13.34 6.18 -11.33
N ILE B 43 12.70 6.18 -10.16
CA ILE B 43 11.38 5.55 -10.01
C ILE B 43 10.29 6.40 -10.64
N LEU B 44 10.56 7.69 -10.77
CA LEU B 44 9.69 8.57 -11.50
C LEU B 44 9.64 8.14 -12.97
N MET B 45 10.81 7.85 -13.56
CA MET B 45 10.91 7.41 -14.95
C MET B 45 10.11 6.13 -15.14
N TRP B 46 10.16 5.27 -14.12
CA TRP B 46 9.46 4.00 -14.15
C TRP B 46 7.95 4.17 -14.00
N LEU B 47 7.55 5.03 -13.07
CA LEU B 47 6.13 5.29 -12.86
C LEU B 47 5.47 5.76 -14.15
N VAL B 48 6.18 6.59 -14.92
CA VAL B 48 5.68 7.04 -16.21
C VAL B 48 5.67 5.86 -17.18
N GLY B 49 6.73 5.07 -17.11
CA GLY B 49 6.84 3.90 -17.97
C GLY B 49 5.66 2.96 -17.67
N LEU B 50 5.28 2.90 -16.40
CA LEU B 50 4.16 2.04 -15.97
C LEU B 50 2.84 2.64 -16.48
N GLN B 51 2.72 3.95 -16.36
CA GLN B 51 1.54 4.61 -16.87
C GLN B 51 1.34 4.35 -18.37
N ASN B 52 2.44 4.37 -19.12
CA ASN B 52 2.40 4.11 -20.56
C ASN B 52 1.94 2.69 -20.82
N VAL B 53 2.56 1.75 -20.13
CA VAL B 53 2.24 0.34 -20.35
C VAL B 53 0.79 0.02 -20.00
N PHE B 54 0.32 0.59 -18.89
CA PHE B 54 -1.08 0.39 -18.48
C PHE B 54 -2.07 0.98 -19.51
N SER B 55 -1.81 2.21 -19.92
CA SER B 55 -2.78 2.91 -20.78
C SER B 55 -2.80 2.28 -22.17
N HIS B 56 -1.66 1.70 -22.57
CA HIS B 56 -1.55 1.05 -23.87
C HIS B 56 -2.29 -0.27 -23.92
N GLN B 57 -2.30 -1.00 -22.81
CA GLN B 57 -2.91 -2.32 -22.76
C GLN B 57 -4.35 -2.30 -22.26
N LEU B 58 -4.75 -1.21 -21.61
CA LEU B 58 -6.07 -1.11 -20.98
C LEU B 58 -6.80 0.09 -21.55
N PRO B 59 -7.29 -0.03 -22.80
CA PRO B 59 -7.97 1.07 -23.52
C PRO B 59 -9.21 1.61 -22.78
N ARG B 60 -9.92 0.72 -22.08
CA ARG B 60 -11.10 1.10 -21.33
C ARG B 60 -10.76 1.89 -20.07
N MET B 61 -9.46 2.08 -19.84
CA MET B 61 -8.99 2.98 -18.79
C MET B 61 -8.49 4.28 -19.41
N PRO B 62 -9.14 5.41 -19.06
CA PRO B 62 -8.71 6.75 -19.48
C PRO B 62 -7.29 7.03 -18.95
N LYS B 63 -6.43 7.53 -19.84
CA LYS B 63 -5.01 7.74 -19.52
C LYS B 63 -4.83 8.50 -18.22
N GLU B 64 -5.72 9.46 -17.99
CA GLU B 64 -5.57 10.36 -16.84
C GLU B 64 -5.99 9.70 -15.51
N TYR B 65 -6.89 8.73 -15.63
CA TYR B 65 -7.27 7.92 -14.49
C TYR B 65 -6.02 7.12 -14.03
N ILE B 66 -5.38 6.44 -14.97
CA ILE B 66 -4.20 5.65 -14.66
C ILE B 66 -3.13 6.49 -13.95
N THR B 67 -2.80 7.63 -14.55
CA THR B 67 -1.78 8.52 -13.98
C THR B 67 -2.08 8.82 -12.53
N ARG B 68 -3.36 9.06 -12.27
CA ARG B 68 -3.81 9.46 -10.95
C ARG B 68 -3.61 8.34 -9.93
N LEU B 69 -4.06 7.12 -10.28
CA LEU B 69 -3.88 5.95 -9.43
C LEU B 69 -2.42 5.56 -9.30
N VAL B 70 -1.68 5.63 -10.40
CA VAL B 70 -0.28 5.23 -10.40
C VAL B 70 0.57 6.12 -9.47
N PHE B 71 0.30 7.41 -9.54
CA PHE B 71 1.05 8.38 -8.75
C PHE B 71 0.42 8.64 -7.38
N ASP B 72 -0.61 7.86 -7.06
CA ASP B 72 -1.24 7.94 -5.76
C ASP B 72 -0.50 7.10 -4.71
N PRO B 73 -0.10 7.74 -3.59
CA PRO B 73 0.77 7.13 -2.57
C PRO B 73 0.09 6.02 -1.74
N LYS B 74 -1.21 5.83 -1.94
CA LYS B 74 -1.92 4.71 -1.32
C LYS B 74 -1.81 3.49 -2.24
N HIS B 75 -1.40 3.73 -3.49
CA HIS B 75 -1.14 2.62 -4.41
C HIS B 75 0.33 2.34 -4.60
N LYS B 76 0.69 1.06 -4.53
CA LYS B 76 2.04 0.65 -4.89
C LYS B 76 1.91 0.00 -6.27
N THR B 77 3.02 -0.01 -7.00
CA THR B 77 3.08 -0.76 -8.25
C THR B 77 4.26 -1.72 -8.24
N LEU B 78 4.01 -2.97 -8.64
CA LEU B 78 5.09 -3.89 -8.90
C LEU B 78 5.56 -3.68 -10.37
N ALA B 79 6.78 -3.19 -10.54
CA ALA B 79 7.35 -2.94 -11.87
C ALA B 79 8.28 -4.10 -12.33
N LEU B 80 8.00 -4.53 -13.55
CA LEU B 80 8.86 -5.46 -14.26
C LEU B 80 9.79 -4.67 -15.19
N ILE B 81 11.08 -4.64 -14.88
CA ILE B 81 12.05 -3.91 -15.69
C ILE B 81 12.89 -4.86 -16.55
N LYS B 82 13.21 -4.45 -17.77
CA LYS B 82 14.08 -5.20 -18.68
C LYS B 82 15.02 -4.23 -19.36
N ASP B 83 16.29 -4.34 -18.98
CA ASP B 83 17.36 -3.54 -19.57
C ASP B 83 17.09 -2.05 -19.38
N GLY B 84 16.59 -1.71 -18.19
CA GLY B 84 16.31 -0.33 -17.88
C GLY B 84 14.87 0.16 -18.16
N ARG B 85 14.18 -0.51 -19.09
CA ARG B 85 12.83 -0.11 -19.49
C ARG B 85 11.76 -0.91 -18.77
N VAL B 86 10.74 -0.20 -18.27
CA VAL B 86 9.56 -0.88 -17.79
C VAL B 86 8.84 -1.61 -18.94
N ILE B 87 8.45 -2.85 -18.72
CA ILE B 87 7.78 -3.62 -19.77
C ILE B 87 6.55 -4.32 -19.21
N GLY B 88 6.26 -4.08 -17.94
CA GLY B 88 5.24 -4.83 -17.23
C GLY B 88 4.97 -4.26 -15.84
N GLY B 89 3.77 -4.51 -15.32
CA GLY B 89 3.48 -4.01 -13.97
C GLY B 89 2.17 -4.53 -13.47
N ILE B 90 2.02 -4.43 -12.14
CA ILE B 90 0.74 -4.69 -11.47
C ILE B 90 0.57 -3.58 -10.46
N CYS B 91 -0.42 -2.73 -10.71
CA CYS B 91 -0.75 -1.69 -9.78
C CYS B 91 -1.76 -2.28 -8.78
N PHE B 92 -1.50 -2.07 -7.51
CA PHE B 92 -2.35 -2.67 -6.49
C PHE B 92 -2.47 -1.76 -5.27
N ARG B 93 -3.48 -2.05 -4.45
CA ARG B 93 -3.68 -1.28 -3.24
C ARG B 93 -3.88 -2.25 -2.07
N MET B 94 -3.09 -2.06 -1.02
CA MET B 94 -3.18 -2.91 0.17
C MET B 94 -4.40 -2.55 1.02
N PHE B 95 -4.88 -3.51 1.80
CA PHE B 95 -6.03 -3.29 2.67
C PHE B 95 -5.97 -4.18 3.90
N PRO B 96 -4.76 -4.36 4.43
CA PRO B 96 -4.56 -5.18 5.63
C PRO B 96 -5.77 -5.15 6.56
N SER B 97 -6.19 -3.94 6.93
CA SER B 97 -7.33 -3.77 7.82
C SER B 97 -8.52 -4.62 7.36
N GLN B 98 -8.43 -5.14 6.14
CA GLN B 98 -9.49 -5.97 5.58
C GLN B 98 -8.98 -7.37 5.24
N GLY B 99 -7.66 -7.50 5.18
CA GLY B 99 -7.04 -8.77 4.86
C GLY B 99 -7.19 -9.14 3.40
N PHE B 100 -6.83 -8.21 2.52
CA PHE B 100 -6.92 -8.43 1.09
C PHE B 100 -6.35 -7.25 0.31
N THR B 101 -5.76 -7.55 -0.84
CA THR B 101 -5.17 -6.51 -1.69
C THR B 101 -5.91 -6.39 -3.01
N GLU B 102 -6.29 -5.17 -3.36
CA GLU B 102 -7.01 -4.92 -4.60
C GLU B 102 -6.00 -4.77 -5.78
N ILE B 103 -6.19 -5.59 -6.80
CA ILE B 103 -5.42 -5.46 -8.02
C ILE B 103 -6.10 -4.49 -9.00
N VAL B 104 -5.42 -3.41 -9.32
CA VAL B 104 -6.03 -2.31 -10.03
C VAL B 104 -5.72 -2.37 -11.53
N PHE B 105 -4.43 -2.37 -11.87
CA PHE B 105 -4.02 -2.59 -13.25
C PHE B 105 -2.96 -3.67 -13.24
N CYS B 106 -3.05 -4.58 -14.20
CA CYS B 106 -1.92 -5.45 -14.51
C CYS B 106 -1.84 -5.56 -16.02
N ALA B 107 -0.60 -5.60 -16.51
CA ALA B 107 -0.33 -5.49 -17.93
C ALA B 107 1.11 -5.84 -18.30
N VAL B 108 1.28 -6.49 -19.45
CA VAL B 108 2.61 -6.67 -20.02
C VAL B 108 2.63 -6.11 -21.45
N THR B 109 3.65 -5.29 -21.75
CA THR B 109 3.75 -4.61 -23.03
C THR B 109 3.65 -5.67 -24.16
N SER B 110 3.24 -5.23 -25.35
CA SER B 110 2.85 -6.14 -26.43
C SER B 110 4.01 -7.01 -26.96
N ASN B 111 5.15 -6.37 -27.14
CA ASN B 111 6.36 -7.06 -27.54
C ASN B 111 6.64 -8.28 -26.66
N GLU B 112 6.44 -8.10 -25.36
CA GLU B 112 6.94 -9.07 -24.38
C GLU B 112 5.87 -10.04 -23.83
N GLN B 113 4.74 -10.13 -24.53
CA GLN B 113 3.67 -11.00 -24.13
C GLN B 113 3.92 -12.41 -24.60
N VAL B 114 3.28 -13.36 -23.94
CA VAL B 114 3.52 -14.78 -24.23
C VAL B 114 5.01 -15.22 -24.04
N LYS B 115 5.59 -14.77 -22.93
CA LYS B 115 6.93 -15.20 -22.54
C LYS B 115 6.94 -15.58 -21.07
N GLY B 116 5.76 -15.61 -20.44
CA GLY B 116 5.64 -15.97 -19.03
C GLY B 116 5.67 -14.79 -18.05
N TYR B 117 5.91 -13.58 -18.57
CA TYR B 117 6.16 -12.43 -17.70
C TYR B 117 4.93 -12.08 -16.84
N GLY B 118 3.74 -12.21 -17.45
CA GLY B 118 2.51 -12.02 -16.72
C GLY B 118 2.41 -12.95 -15.51
N THR B 119 2.80 -14.21 -15.70
CA THR B 119 2.80 -15.18 -14.60
C THR B 119 3.88 -14.89 -13.55
N HIS B 120 5.08 -14.54 -14.01
CA HIS B 120 6.16 -14.14 -13.12
C HIS B 120 5.72 -12.98 -12.21
N LEU B 121 5.08 -11.97 -12.81
CA LEU B 121 4.61 -10.79 -12.05
C LEU B 121 3.64 -11.19 -10.93
N MET B 122 2.66 -12.04 -11.29
CA MET B 122 1.61 -12.45 -10.35
C MET B 122 2.25 -13.29 -9.21
N ASN B 123 3.16 -14.17 -9.61
CA ASN B 123 3.86 -15.02 -8.64
C ASN B 123 4.69 -14.19 -7.65
N HIS B 124 5.42 -13.24 -8.20
CA HIS B 124 6.18 -12.33 -7.35
C HIS B 124 5.26 -11.49 -6.47
N LEU B 125 4.09 -11.10 -7.00
CA LEU B 125 3.13 -10.29 -6.26
C LEU B 125 2.65 -11.14 -5.05
N LYS B 126 2.39 -12.42 -5.34
CA LYS B 126 1.89 -13.37 -4.33
C LYS B 126 2.91 -13.55 -3.24
N GLU B 127 4.17 -13.73 -3.64
CA GLU B 127 5.28 -13.84 -2.70
C GLU B 127 5.41 -12.60 -1.79
N TYR B 128 5.29 -11.43 -2.39
CA TYR B 128 5.45 -10.18 -1.68
C TYR B 128 4.42 -10.19 -0.56
N HIS B 129 3.21 -10.62 -0.91
CA HIS B 129 2.07 -10.52 0.03
C HIS B 129 2.01 -11.57 1.16
N ILE B 130 2.50 -12.76 0.89
CA ILE B 130 2.71 -13.75 1.92
C ILE B 130 3.69 -13.22 2.95
N LYS B 131 4.77 -12.60 2.48
CA LYS B 131 5.72 -11.93 3.39
C LYS B 131 5.02 -10.90 4.26
N HIS B 132 4.04 -10.21 3.68
CA HIS B 132 3.38 -9.10 4.35
C HIS B 132 2.07 -9.53 5.03
N ASP B 133 1.79 -10.83 4.97
CA ASP B 133 0.68 -11.41 5.73
C ASP B 133 -0.73 -11.06 5.23
N ILE B 134 -0.86 -10.84 3.92
CA ILE B 134 -2.15 -10.64 3.32
C ILE B 134 -2.38 -11.76 2.31
N LEU B 135 -3.46 -12.51 2.52
CA LEU B 135 -3.65 -13.77 1.82
C LEU B 135 -4.87 -13.81 0.93
N ASN B 136 -5.38 -12.63 0.60
CA ASN B 136 -6.47 -12.51 -0.33
C ASN B 136 -6.22 -11.47 -1.38
N PHE B 137 -6.50 -11.84 -2.64
CA PHE B 137 -6.51 -10.89 -3.75
C PHE B 137 -7.93 -10.72 -4.26
N LEU B 138 -8.29 -9.47 -4.54
CA LEU B 138 -9.53 -9.17 -5.27
C LEU B 138 -9.24 -8.32 -6.49
N THR B 139 -9.92 -8.65 -7.59
CA THR B 139 -9.83 -7.80 -8.78
C THR B 139 -11.20 -7.74 -9.49
N TYR B 140 -11.45 -6.66 -10.23
CA TYR B 140 -12.57 -6.62 -11.15
C TYR B 140 -12.03 -6.91 -12.54
N ALA B 141 -12.14 -8.16 -12.96
CA ALA B 141 -11.47 -8.63 -14.16
C ALA B 141 -12.28 -8.37 -15.44
N ASP B 142 -11.59 -7.84 -16.45
CA ASP B 142 -12.22 -7.59 -17.73
C ASP B 142 -12.38 -8.88 -18.53
N GLU B 143 -13.38 -8.89 -19.42
CA GLU B 143 -13.88 -10.13 -20.02
C GLU B 143 -12.84 -10.93 -20.81
N TYR B 144 -11.82 -10.24 -21.29
CA TYR B 144 -10.70 -10.91 -21.97
C TYR B 144 -9.65 -11.39 -20.97
N ALA B 145 -9.67 -10.81 -19.78
CA ALA B 145 -8.66 -11.06 -18.77
C ALA B 145 -9.00 -12.26 -17.89
N ILE B 146 -10.26 -12.66 -17.91
CA ILE B 146 -10.75 -13.69 -17.02
C ILE B 146 -9.94 -14.99 -17.13
N GLY B 147 -9.67 -15.40 -18.37
CA GLY B 147 -8.91 -16.60 -18.61
C GLY B 147 -7.55 -16.53 -17.94
N TYR B 148 -6.93 -15.36 -17.99
CA TYR B 148 -5.63 -15.15 -17.37
C TYR B 148 -5.69 -15.30 -15.85
N PHE B 149 -6.59 -14.53 -15.24
CA PHE B 149 -6.75 -14.57 -13.80
C PHE B 149 -7.11 -15.95 -13.31
N LYS B 150 -7.73 -16.75 -14.19
CA LYS B 150 -8.06 -18.14 -13.87
C LYS B 150 -6.80 -19.01 -13.80
N LYS B 151 -5.92 -18.86 -14.78
CA LYS B 151 -4.66 -19.61 -14.81
C LYS B 151 -3.77 -19.20 -13.63
N GLN B 152 -4.15 -18.10 -12.98
CA GLN B 152 -3.40 -17.60 -11.83
C GLN B 152 -4.12 -17.96 -10.52
N GLY B 153 -5.21 -18.71 -10.62
CA GLY B 153 -5.90 -19.24 -9.47
C GLY B 153 -6.99 -18.36 -8.87
N PHE B 154 -7.55 -17.44 -9.68
CA PHE B 154 -8.71 -16.65 -9.28
C PHE B 154 -10.01 -17.41 -9.57
N SER B 155 -11.03 -17.13 -8.75
CA SER B 155 -12.36 -17.70 -8.96
C SER B 155 -13.41 -16.59 -8.90
N LYS B 156 -14.57 -16.88 -9.48
CA LYS B 156 -15.69 -15.96 -9.46
C LYS B 156 -16.43 -16.00 -8.11
N GLU B 157 -16.28 -17.10 -7.38
CA GLU B 157 -16.88 -17.20 -6.05
C GLU B 157 -15.89 -16.68 -5.00
N ILE B 158 -16.36 -15.74 -4.19
CA ILE B 158 -15.52 -14.96 -3.30
C ILE B 158 -15.68 -15.37 -1.84
N LYS B 159 -14.57 -15.84 -1.25
CA LYS B 159 -14.63 -16.50 0.04
C LYS B 159 -14.50 -15.51 1.21
N ILE B 160 -14.13 -14.28 0.86
CA ILE B 160 -14.10 -13.21 1.83
C ILE B 160 -15.48 -12.50 1.84
N PRO B 161 -16.01 -12.25 3.05
CA PRO B 161 -17.36 -11.69 3.21
C PRO B 161 -17.51 -10.29 2.59
N LYS B 162 -18.71 -10.01 2.09
CA LYS B 162 -18.94 -8.73 1.40
C LYS B 162 -18.64 -7.50 2.26
N THR B 163 -18.76 -7.68 3.57
CA THR B 163 -18.60 -6.57 4.50
C THR B 163 -17.16 -6.05 4.59
N LYS B 164 -16.23 -6.79 3.98
CA LYS B 164 -14.81 -6.50 4.11
C LYS B 164 -14.25 -5.68 2.96
N TYR B 165 -14.88 -5.77 1.80
CA TYR B 165 -14.40 -5.09 0.61
C TYR B 165 -15.42 -4.09 0.08
N VAL B 166 -16.68 -4.50 0.04
CA VAL B 166 -17.72 -3.61 -0.46
C VAL B 166 -17.56 -2.23 0.18
N GLY B 167 -17.23 -1.23 -0.64
CA GLY B 167 -17.03 0.13 -0.18
C GLY B 167 -15.60 0.59 -0.42
N TYR B 168 -14.63 -0.33 -0.33
CA TYR B 168 -13.21 0.02 -0.46
C TYR B 168 -12.72 -0.20 -1.88
N ILE B 169 -12.87 -1.44 -2.34
CA ILE B 169 -12.52 -1.79 -3.69
C ILE B 169 -13.48 -1.04 -4.63
N LYS B 170 -12.97 -0.60 -5.77
CA LYS B 170 -13.79 0.11 -6.74
C LYS B 170 -14.38 -0.83 -7.79
N ASP B 171 -15.67 -0.70 -8.01
CA ASP B 171 -16.34 -1.48 -9.05
C ASP B 171 -16.04 -0.89 -10.42
N TYR B 172 -15.98 -1.74 -11.45
CA TYR B 172 -15.64 -1.29 -12.79
C TYR B 172 -16.65 -1.80 -13.81
N GLU B 173 -16.85 -1.02 -14.86
CA GLU B 173 -17.91 -1.26 -15.83
C GLU B 173 -17.56 -2.34 -16.86
N GLY B 174 -18.25 -3.47 -16.78
CA GLY B 174 -18.02 -4.62 -17.66
C GLY B 174 -17.15 -5.67 -16.99
N ALA B 175 -16.95 -5.49 -15.68
CA ALA B 175 -15.93 -6.22 -14.95
C ALA B 175 -16.47 -7.19 -13.89
N THR B 176 -16.14 -8.47 -14.07
CA THR B 176 -16.53 -9.46 -13.10
C THR B 176 -15.55 -9.43 -11.91
N LEU B 177 -16.09 -9.44 -10.69
CA LEU B 177 -15.26 -9.58 -9.50
C LEU B 177 -14.68 -10.99 -9.42
N MET B 178 -13.38 -11.08 -9.18
CA MET B 178 -12.70 -12.37 -9.06
C MET B 178 -11.81 -12.37 -7.84
N GLY B 179 -11.65 -13.54 -7.23
CA GLY B 179 -10.92 -13.64 -5.98
C GLY B 179 -9.87 -14.73 -6.02
N CYS B 180 -8.74 -14.46 -5.38
CA CYS B 180 -7.64 -15.41 -5.33
C CYS B 180 -6.95 -15.41 -3.97
N GLU B 181 -7.12 -16.50 -3.23
CA GLU B 181 -6.52 -16.63 -1.90
C GLU B 181 -5.16 -17.32 -1.98
N LEU B 182 -4.32 -17.07 -0.99
CA LEU B 182 -3.00 -17.66 -0.94
C LEU B 182 -2.93 -18.77 0.11
N ASN B 183 -1.72 -19.27 0.35
CA ASN B 183 -1.52 -20.34 1.33
C ASN B 183 -0.11 -20.31 1.92
N PRO B 184 0.34 -21.46 2.42
CA PRO B 184 1.67 -21.57 3.02
C PRO B 184 2.74 -20.95 2.13
N LYS C 24 -12.47 29.02 -27.32
CA LYS C 24 -13.15 29.34 -26.08
C LYS C 24 -12.17 29.53 -24.94
N VAL C 25 -11.69 28.42 -24.37
CA VAL C 25 -10.73 28.48 -23.27
C VAL C 25 -9.42 27.80 -23.65
N ILE C 26 -8.33 28.54 -23.56
CA ILE C 26 -7.00 28.01 -23.89
C ILE C 26 -5.90 28.89 -23.32
N GLU C 27 -4.99 28.27 -22.57
CA GLU C 27 -3.88 29.00 -21.96
C GLU C 27 -2.54 28.44 -22.42
N PHE C 28 -1.47 28.87 -21.76
CA PHE C 28 -0.13 28.41 -22.10
C PHE C 28 0.77 28.37 -20.86
N HIS C 29 1.40 27.23 -20.62
CA HIS C 29 2.28 27.06 -19.47
C HIS C 29 3.65 26.55 -19.89
N VAL C 30 4.68 27.29 -19.47
CA VAL C 30 6.04 26.78 -19.58
C VAL C 30 6.40 26.03 -18.30
N VAL C 31 6.51 24.70 -18.40
CA VAL C 31 6.79 23.89 -17.22
C VAL C 31 8.10 23.14 -17.41
N GLY C 32 8.75 22.78 -16.31
CA GLY C 32 9.95 21.98 -16.36
C GLY C 32 10.18 21.27 -15.04
N ASN C 33 11.18 20.40 -15.00
CA ASN C 33 11.36 19.49 -13.89
C ASN C 33 12.48 19.88 -12.92
N SER C 34 13.02 21.07 -13.12
CA SER C 34 14.33 21.44 -12.60
C SER C 34 14.58 21.15 -11.11
N PRO C 39 8.62 18.58 -8.70
CA PRO C 39 7.78 17.41 -8.43
C PRO C 39 6.32 17.83 -8.21
N ASN C 40 6.03 19.10 -8.43
CA ASN C 40 4.74 19.65 -8.05
C ASN C 40 3.56 18.95 -8.69
N LYS C 41 2.56 18.65 -7.86
CA LYS C 41 1.54 17.67 -8.22
C LYS C 41 0.84 17.93 -9.55
N LYS C 42 0.45 19.17 -9.78
CA LYS C 42 -0.29 19.53 -10.96
C LYS C 42 0.59 19.54 -12.20
N ILE C 43 1.77 20.15 -12.08
CA ILE C 43 2.72 20.15 -13.21
C ILE C 43 3.24 18.72 -13.46
N LEU C 44 3.15 17.88 -12.44
CA LEU C 44 3.55 16.49 -12.58
C LEU C 44 2.56 15.81 -13.51
N MET C 45 1.28 16.12 -13.33
CA MET C 45 0.21 15.50 -14.14
C MET C 45 0.31 15.97 -15.58
N TRP C 46 0.69 17.24 -15.73
CA TRP C 46 0.85 17.89 -17.04
C TRP C 46 2.01 17.25 -17.80
N LEU C 47 3.15 17.11 -17.13
CA LEU C 47 4.34 16.51 -17.74
C LEU C 47 4.07 15.10 -18.23
N VAL C 48 3.40 14.34 -17.38
CA VAL C 48 2.96 13.02 -17.80
C VAL C 48 2.00 13.14 -19.02
N GLY C 49 1.01 14.01 -18.89
CA GLY C 49 0.06 14.26 -19.97
C GLY C 49 0.80 14.70 -21.25
N LEU C 50 1.85 15.52 -21.09
CA LEU C 50 2.71 15.92 -22.23
C LEU C 50 3.41 14.66 -22.79
N GLN C 51 4.01 13.90 -21.88
CA GLN C 51 4.68 12.69 -22.33
C GLN C 51 3.73 11.77 -23.15
N ASN C 52 2.49 11.65 -22.70
CA ASN C 52 1.49 10.81 -23.37
C ASN C 52 1.19 11.32 -24.78
N VAL C 53 1.14 12.64 -24.92
CA VAL C 53 0.77 13.26 -26.20
C VAL C 53 1.88 13.12 -27.24
N PHE C 54 3.13 13.31 -26.78
CA PHE C 54 4.29 13.16 -27.65
C PHE C 54 4.42 11.74 -28.15
N SER C 55 4.11 10.77 -27.28
CA SER C 55 4.33 9.37 -27.60
C SER C 55 3.30 8.87 -28.64
N HIS C 56 2.06 9.32 -28.48
CA HIS C 56 0.99 8.92 -29.38
C HIS C 56 1.17 9.51 -30.78
N GLN C 57 1.69 10.74 -30.80
CA GLN C 57 1.86 11.48 -32.05
C GLN C 57 3.21 11.23 -32.76
N LEU C 58 4.20 10.72 -32.03
CA LEU C 58 5.56 10.52 -32.56
C LEU C 58 6.00 9.06 -32.37
N PRO C 59 5.46 8.18 -33.22
CA PRO C 59 5.69 6.73 -33.03
C PRO C 59 7.16 6.35 -33.21
N ARG C 60 7.88 7.15 -33.98
CA ARG C 60 9.27 6.88 -34.30
C ARG C 60 10.24 7.23 -33.14
N MET C 61 9.71 7.81 -32.07
CA MET C 61 10.53 8.12 -30.91
C MET C 61 10.05 7.30 -29.71
N PRO C 62 10.92 6.40 -29.20
CA PRO C 62 10.56 5.49 -28.10
C PRO C 62 10.10 6.28 -26.86
N LYS C 63 9.03 5.77 -26.24
CA LYS C 63 8.44 6.45 -25.08
C LYS C 63 9.50 6.76 -24.03
N GLU C 64 10.43 5.83 -23.84
CA GLU C 64 11.45 5.94 -22.79
C GLU C 64 12.33 7.14 -23.09
N TYR C 65 12.61 7.34 -24.38
CA TYR C 65 13.40 8.48 -24.80
C TYR C 65 12.63 9.82 -24.55
N ILE C 66 11.38 9.85 -24.99
CA ILE C 66 10.53 11.01 -24.75
C ILE C 66 10.51 11.32 -23.24
N THR C 67 10.30 10.27 -22.43
CA THR C 67 10.20 10.43 -20.97
C THR C 67 11.46 11.09 -20.40
N ARG C 68 12.58 10.57 -20.88
CA ARG C 68 13.87 10.98 -20.36
C ARG C 68 14.06 12.47 -20.57
N LEU C 69 13.77 12.92 -21.78
CA LEU C 69 13.95 14.32 -22.15
C LEU C 69 12.95 15.30 -21.49
N VAL C 70 11.69 14.89 -21.47
CA VAL C 70 10.66 15.73 -20.88
C VAL C 70 11.00 16.09 -19.42
N PHE C 71 11.58 15.10 -18.75
CA PHE C 71 11.94 15.28 -17.34
C PHE C 71 13.37 15.74 -17.18
N ASP C 72 14.05 15.95 -18.30
CA ASP C 72 15.37 16.54 -18.28
C ASP C 72 15.29 18.02 -17.83
N PRO C 73 15.91 18.35 -16.69
CA PRO C 73 15.81 19.68 -16.07
C PRO C 73 16.51 20.77 -16.90
N LYS C 74 17.19 20.36 -17.96
CA LYS C 74 17.73 21.27 -18.97
C LYS C 74 16.79 21.35 -20.20
N HIS C 75 15.73 20.55 -20.17
CA HIS C 75 14.63 20.70 -21.12
C HIS C 75 13.43 21.37 -20.46
N LYS C 76 12.89 22.37 -21.14
CA LYS C 76 11.60 22.94 -20.75
C LYS C 76 10.53 22.55 -21.77
N THR C 77 9.28 22.51 -21.31
CA THR C 77 8.18 22.18 -22.22
C THR C 77 7.12 23.29 -22.17
N LEU C 78 6.63 23.64 -23.35
CA LEU C 78 5.50 24.55 -23.46
C LEU C 78 4.24 23.68 -23.49
N ALA C 79 3.37 23.82 -22.51
CA ALA C 79 2.17 22.99 -22.41
C ALA C 79 0.93 23.82 -22.76
N LEU C 80 0.07 23.23 -23.58
CA LEU C 80 -1.21 23.83 -23.91
C LEU C 80 -2.33 23.11 -23.12
N ILE C 81 -2.87 23.80 -22.10
CA ILE C 81 -3.94 23.27 -21.26
C ILE C 81 -5.28 23.80 -21.70
N LYS C 82 -6.26 22.89 -21.78
CA LYS C 82 -7.62 23.28 -22.11
C LYS C 82 -8.55 22.40 -21.32
N ASP C 83 -9.40 23.02 -20.52
CA ASP C 83 -10.32 22.29 -19.64
C ASP C 83 -9.57 21.32 -18.75
N GLY C 84 -8.48 21.81 -18.17
CA GLY C 84 -7.68 21.02 -17.25
C GLY C 84 -6.76 20.01 -17.91
N ARG C 85 -7.05 19.72 -19.18
CA ARG C 85 -6.31 18.70 -19.93
C ARG C 85 -5.22 19.26 -20.84
N VAL C 86 -4.05 18.63 -20.78
CA VAL C 86 -3.00 18.90 -21.76
C VAL C 86 -3.50 18.40 -23.11
N ILE C 87 -3.34 19.22 -24.15
CA ILE C 87 -3.77 18.83 -25.49
C ILE C 87 -2.65 19.08 -26.53
N GLY C 88 -1.50 19.56 -26.05
CA GLY C 88 -0.48 20.03 -26.95
C GLY C 88 0.76 20.46 -26.21
N GLY C 89 1.86 20.52 -26.94
CA GLY C 89 3.10 20.93 -26.29
C GLY C 89 4.24 21.03 -27.27
N ILE C 90 5.21 21.80 -26.83
CA ILE C 90 6.51 21.83 -27.48
C ILE C 90 7.61 21.69 -26.42
N CYS C 91 8.31 20.55 -26.46
CA CYS C 91 9.49 20.33 -25.61
C CYS C 91 10.72 20.94 -26.31
N PHE C 92 11.36 21.90 -25.65
CA PHE C 92 12.47 22.58 -26.29
C PHE C 92 13.67 22.70 -25.36
N ARG C 93 14.84 22.93 -25.94
CA ARG C 93 16.04 23.16 -25.17
C ARG C 93 16.72 24.45 -25.60
N MET C 94 16.88 25.37 -24.64
CA MET C 94 17.54 26.66 -24.90
C MET C 94 19.07 26.53 -24.91
N PHE C 95 19.70 27.00 -25.99
CA PHE C 95 21.14 27.26 -25.97
C PHE C 95 21.37 28.77 -26.03
N PRO C 96 21.30 29.43 -24.87
CA PRO C 96 21.59 30.88 -24.79
C PRO C 96 23.00 31.20 -25.31
N SER C 97 23.96 30.38 -24.92
CA SER C 97 25.37 30.61 -25.22
C SER C 97 25.64 30.46 -26.72
N GLN C 98 24.85 29.62 -27.38
CA GLN C 98 24.94 29.44 -28.83
C GLN C 98 23.84 30.21 -29.54
N GLY C 99 22.93 30.76 -28.74
CA GLY C 99 21.93 31.68 -29.26
C GLY C 99 20.91 31.12 -30.23
N PHE C 100 20.61 29.83 -30.11
CA PHE C 100 19.42 29.28 -30.72
C PHE C 100 18.69 28.45 -29.66
N THR C 101 17.55 27.89 -30.05
CA THR C 101 16.84 26.93 -29.22
C THR C 101 16.48 25.71 -30.04
N GLU C 102 16.73 24.54 -29.48
CA GLU C 102 16.43 23.29 -30.17
C GLU C 102 14.98 22.88 -29.88
N ILE C 103 14.22 22.60 -30.93
CA ILE C 103 12.90 22.03 -30.77
C ILE C 103 12.93 20.53 -30.92
N VAL C 104 12.57 19.83 -29.84
CA VAL C 104 12.73 18.39 -29.79
C VAL C 104 11.44 17.62 -30.12
N PHE C 105 10.41 17.95 -29.35
CA PHE C 105 9.08 17.41 -29.58
C PHE C 105 8.04 18.50 -29.67
N CYS C 106 7.23 18.41 -30.72
CA CYS C 106 5.98 19.19 -30.74
C CYS C 106 4.87 18.27 -31.18
N ALA C 107 3.71 18.41 -30.54
CA ALA C 107 2.58 17.55 -30.85
C ALA C 107 1.32 18.23 -30.42
N VAL C 108 0.25 17.90 -31.12
CA VAL C 108 -1.09 18.25 -30.69
C VAL C 108 -1.90 16.95 -30.72
N THR C 109 -2.61 16.69 -29.63
CA THR C 109 -3.44 15.51 -29.56
C THR C 109 -4.46 15.50 -30.71
N SER C 110 -4.85 14.29 -31.13
CA SER C 110 -5.54 14.07 -32.40
C SER C 110 -6.94 14.67 -32.51
N ASN C 111 -7.65 14.68 -31.39
CA ASN C 111 -8.97 15.27 -31.35
C ASN C 111 -8.98 16.80 -31.52
N GLU C 112 -7.80 17.39 -31.35
CA GLU C 112 -7.64 18.84 -31.36
C GLU C 112 -6.80 19.41 -32.51
N GLN C 113 -6.48 18.52 -33.46
CA GLN C 113 -5.67 18.88 -34.62
C GLN C 113 -6.51 19.58 -35.65
N VAL C 114 -5.85 20.39 -36.47
CA VAL C 114 -6.56 21.18 -37.49
C VAL C 114 -7.63 22.14 -36.90
N LYS C 115 -7.25 22.81 -35.81
CA LYS C 115 -8.09 23.85 -35.24
C LYS C 115 -7.22 25.07 -34.87
N GLY C 116 -5.96 25.01 -35.29
CA GLY C 116 -5.06 26.13 -35.10
C GLY C 116 -4.13 26.07 -33.89
N TYR C 117 -4.25 25.02 -33.10
CA TYR C 117 -3.54 24.98 -31.83
C TYR C 117 -2.01 24.92 -32.03
N GLY C 118 -1.59 24.15 -33.03
CA GLY C 118 -0.18 24.08 -33.36
C GLY C 118 0.40 25.47 -33.62
N THR C 119 -0.41 26.35 -34.23
CA THR C 119 0.01 27.71 -34.54
C THR C 119 0.12 28.54 -33.26
N HIS C 120 -0.88 28.42 -32.38
CA HIS C 120 -0.87 29.07 -31.06
C HIS C 120 0.44 28.73 -30.34
N LEU C 121 0.76 27.43 -30.31
CA LEU C 121 1.95 26.91 -29.61
C LEU C 121 3.23 27.52 -30.14
N MET C 122 3.42 27.42 -31.44
CA MET C 122 4.62 27.94 -32.07
C MET C 122 4.75 29.44 -31.91
N ASN C 123 3.62 30.14 -31.92
CA ASN C 123 3.61 31.59 -31.77
C ASN C 123 3.98 32.04 -30.37
N HIS C 124 3.40 31.39 -29.37
CA HIS C 124 3.82 31.67 -28.00
C HIS C 124 5.29 31.31 -27.74
N LEU C 125 5.78 30.24 -28.37
CA LEU C 125 7.18 29.85 -28.26
C LEU C 125 8.03 31.04 -28.74
N LYS C 126 7.71 31.52 -29.93
CA LYS C 126 8.44 32.63 -30.53
C LYS C 126 8.45 33.89 -29.64
N GLU C 127 7.35 34.11 -28.95
CA GLU C 127 7.20 35.31 -28.15
C GLU C 127 7.87 35.16 -26.77
N TYR C 128 7.89 33.95 -26.26
CA TYR C 128 8.68 33.61 -25.09
C TYR C 128 10.15 33.89 -25.38
N HIS C 129 10.62 33.46 -26.55
CA HIS C 129 12.05 33.53 -26.89
C HIS C 129 12.59 34.92 -27.26
N ILE C 130 11.70 35.81 -27.64
CA ILE C 130 12.06 37.19 -27.89
C ILE C 130 12.28 37.96 -26.58
N LYS C 131 11.44 37.67 -25.60
CA LYS C 131 11.65 38.17 -24.24
C LYS C 131 12.98 37.65 -23.70
N HIS C 132 13.29 36.37 -23.96
CA HIS C 132 14.57 35.78 -23.55
C HIS C 132 15.67 36.02 -24.58
N ASP C 133 15.39 36.91 -25.51
CA ASP C 133 16.41 37.37 -26.46
C ASP C 133 17.09 36.22 -27.21
N ILE C 134 16.33 35.19 -27.55
CA ILE C 134 16.83 34.11 -28.37
C ILE C 134 16.04 34.08 -29.67
N LEU C 135 16.75 34.28 -30.77
CA LEU C 135 16.14 34.69 -32.03
C LEU C 135 16.23 33.67 -33.17
N ASN C 136 16.68 32.46 -32.82
CA ASN C 136 16.81 31.40 -33.80
C ASN C 136 16.24 30.08 -33.28
N PHE C 137 15.57 29.37 -34.18
CA PHE C 137 15.01 28.06 -33.88
C PHE C 137 15.65 27.00 -34.76
N LEU C 138 15.91 25.84 -34.17
CA LEU C 138 16.41 24.71 -34.94
C LEU C 138 15.65 23.45 -34.58
N THR C 139 15.44 22.58 -35.58
CA THR C 139 14.68 21.34 -35.38
C THR C 139 15.02 20.30 -36.45
N TYR C 140 14.87 19.02 -36.11
CA TYR C 140 14.97 17.97 -37.11
C TYR C 140 13.59 17.43 -37.45
N ALA C 141 13.11 17.79 -38.62
CA ALA C 141 11.72 17.54 -38.99
C ALA C 141 11.46 16.15 -39.53
N ASP C 142 10.53 15.45 -38.87
CA ASP C 142 9.89 14.28 -39.43
C ASP C 142 9.41 14.68 -40.84
N GLU C 143 9.38 13.69 -41.72
CA GLU C 143 9.10 13.94 -43.13
C GLU C 143 7.66 14.32 -43.43
N TYR C 144 6.76 13.95 -42.53
CA TYR C 144 5.33 14.18 -42.74
C TYR C 144 4.85 15.44 -42.03
N ALA C 145 5.80 16.21 -41.50
CA ALA C 145 5.49 17.45 -40.79
C ALA C 145 6.40 18.60 -41.21
N ILE C 146 7.09 18.40 -42.33
CA ILE C 146 7.86 19.46 -42.95
C ILE C 146 6.92 20.64 -43.30
N GLY C 147 5.72 20.30 -43.79
CA GLY C 147 4.75 21.28 -44.26
C GLY C 147 4.23 22.18 -43.15
N TYR C 148 4.04 21.59 -41.97
CA TYR C 148 3.72 22.35 -40.77
C TYR C 148 4.82 23.37 -40.47
N PHE C 149 6.07 22.90 -40.42
CA PHE C 149 7.21 23.79 -40.14
C PHE C 149 7.40 24.82 -41.25
N LYS C 150 7.09 24.41 -42.48
CA LYS C 150 7.10 25.34 -43.59
C LYS C 150 6.15 26.52 -43.28
N LYS C 151 4.94 26.18 -42.83
CA LYS C 151 3.90 27.18 -42.55
C LYS C 151 4.34 28.18 -41.49
N GLN C 152 5.18 27.72 -40.56
CA GLN C 152 5.55 28.51 -39.40
C GLN C 152 6.88 29.27 -39.58
N GLY C 153 7.36 29.32 -40.82
CA GLY C 153 8.49 30.13 -41.19
C GLY C 153 9.84 29.43 -41.16
N PHE C 154 9.81 28.10 -41.13
CA PHE C 154 11.03 27.31 -41.12
C PHE C 154 11.53 27.05 -42.54
N SER C 155 12.85 27.16 -42.73
CA SER C 155 13.47 26.90 -44.02
C SER C 155 14.34 25.63 -43.96
N LYS C 156 14.52 25.00 -45.12
CA LYS C 156 15.46 23.89 -45.21
C LYS C 156 16.89 24.42 -45.30
N GLU C 157 17.04 25.67 -45.76
CA GLU C 157 18.33 26.32 -45.77
C GLU C 157 18.55 26.98 -44.40
N ILE C 158 19.74 26.77 -43.85
CA ILE C 158 20.01 27.14 -42.46
C ILE C 158 21.00 28.29 -42.36
N LYS C 159 20.64 29.29 -41.56
CA LYS C 159 21.35 30.56 -41.55
C LYS C 159 22.35 30.65 -40.41
N ILE C 160 22.08 29.92 -39.33
CA ILE C 160 23.03 29.78 -38.25
C ILE C 160 24.15 28.84 -38.72
N PRO C 161 25.41 29.26 -38.55
CA PRO C 161 26.56 28.52 -39.09
C PRO C 161 26.77 27.15 -38.43
N LYS C 162 27.28 26.20 -39.21
CA LYS C 162 27.28 24.80 -38.81
C LYS C 162 28.10 24.56 -37.55
N THR C 163 29.06 25.43 -37.30
CA THR C 163 29.94 25.29 -36.16
C THR C 163 29.29 25.77 -34.87
N LYS C 164 28.03 26.17 -34.97
CA LYS C 164 27.31 26.75 -33.83
C LYS C 164 26.37 25.76 -33.14
N TYR C 165 25.89 24.78 -33.90
CA TYR C 165 24.86 23.89 -33.43
C TYR C 165 25.24 22.40 -33.54
N VAL C 166 26.20 22.10 -34.42
CA VAL C 166 26.65 20.72 -34.61
C VAL C 166 27.23 20.12 -33.33
N GLY C 167 26.69 18.97 -32.91
CA GLY C 167 27.11 18.38 -31.66
C GLY C 167 26.62 19.18 -30.46
N TYR C 168 25.63 20.05 -30.66
CA TYR C 168 24.78 20.52 -29.57
C TYR C 168 23.42 19.90 -29.79
N ILE C 169 22.86 20.15 -30.97
CA ILE C 169 21.61 19.53 -31.41
C ILE C 169 21.87 18.06 -31.77
N LYS C 170 20.89 17.20 -31.50
CA LYS C 170 21.02 15.78 -31.81
C LYS C 170 20.36 15.46 -33.15
N ASP C 171 21.15 14.88 -34.06
CA ASP C 171 20.63 14.43 -35.33
C ASP C 171 19.60 13.32 -35.11
N TYR C 172 18.70 13.15 -36.08
CA TYR C 172 17.64 12.14 -35.98
C TYR C 172 17.48 11.38 -37.28
N GLU C 173 17.45 10.05 -37.18
CA GLU C 173 17.43 9.19 -38.35
C GLU C 173 16.17 9.42 -39.17
N GLY C 174 16.32 10.01 -40.34
CA GLY C 174 15.19 10.29 -41.19
C GLY C 174 14.47 11.57 -40.81
N ALA C 175 15.23 12.62 -40.54
CA ALA C 175 14.66 13.95 -40.32
C ALA C 175 15.52 15.01 -40.97
N THR C 176 14.88 15.92 -41.71
CA THR C 176 15.58 17.03 -42.33
C THR C 176 15.74 18.15 -41.33
N LEU C 177 16.91 18.78 -41.33
CA LEU C 177 17.16 19.93 -40.46
C LEU C 177 16.49 21.20 -41.03
N MET C 178 15.68 21.86 -40.21
CA MET C 178 14.98 23.08 -40.62
C MET C 178 15.20 24.16 -39.57
N GLY C 179 15.12 25.41 -40.02
CA GLY C 179 15.43 26.54 -39.15
C GLY C 179 14.52 27.74 -39.27
N CYS C 180 14.35 28.43 -38.14
CA CYS C 180 13.58 29.66 -38.11
C CYS C 180 14.34 30.74 -37.37
N GLU C 181 14.41 31.92 -37.97
CA GLU C 181 15.11 33.05 -37.38
C GLU C 181 14.14 34.12 -36.91
N LEU C 182 14.16 34.42 -35.62
CA LEU C 182 13.28 35.44 -35.05
C LEU C 182 13.66 36.83 -35.53
N ASN C 183 12.81 37.81 -35.22
CA ASN C 183 13.06 39.19 -35.62
C ASN C 183 13.07 40.14 -34.42
N PRO C 184 13.04 41.44 -34.69
CA PRO C 184 13.06 42.46 -33.64
C PRO C 184 11.95 42.22 -32.61
N LYS D 24 10.32 -26.97 16.81
CA LYS D 24 11.32 -27.72 17.56
C LYS D 24 10.90 -27.90 19.04
N VAL D 25 10.28 -26.87 19.62
CA VAL D 25 9.52 -27.02 20.85
C VAL D 25 8.09 -26.56 20.59
N ILE D 26 7.13 -27.36 21.05
CA ILE D 26 5.73 -27.12 20.77
C ILE D 26 4.90 -27.42 22.02
N GLU D 27 4.21 -26.39 22.52
CA GLU D 27 3.50 -26.48 23.77
C GLU D 27 2.00 -26.39 23.63
N PHE D 28 1.31 -26.96 24.61
CA PHE D 28 -0.13 -26.82 24.70
C PHE D 28 -0.42 -26.31 26.08
N HIS D 29 -1.00 -25.11 26.17
CA HIS D 29 -1.46 -24.54 27.44
C HIS D 29 -2.93 -24.19 27.32
N VAL D 30 -3.69 -24.51 28.37
CA VAL D 30 -5.03 -24.01 28.51
C VAL D 30 -4.99 -22.71 29.29
N VAL D 31 -5.30 -21.59 28.62
CA VAL D 31 -5.17 -20.24 29.19
C VAL D 31 -6.53 -19.50 29.33
N GLY D 32 -6.48 -18.34 29.98
CA GLY D 32 -7.68 -17.53 30.18
C GLY D 32 -7.39 -16.26 30.94
N ASN D 33 -8.40 -15.40 31.04
CA ASN D 33 -8.25 -14.13 31.75
C ASN D 33 -8.73 -14.22 33.21
N SER D 34 -9.27 -15.38 33.56
CA SER D 34 -9.77 -15.60 34.92
C SER D 34 -10.02 -14.27 35.64
N PRO D 39 -2.31 -11.34 36.13
CA PRO D 39 -1.63 -10.37 35.27
C PRO D 39 -0.32 -10.92 34.72
N ASN D 40 -0.17 -12.25 34.76
CA ASN D 40 1.04 -12.90 34.26
C ASN D 40 1.47 -12.36 32.90
N LYS D 41 2.70 -11.84 32.84
CA LYS D 41 3.23 -11.29 31.60
C LYS D 41 3.38 -12.22 30.40
N LYS D 42 3.40 -13.52 30.67
CA LYS D 42 3.54 -14.52 29.63
C LYS D 42 2.22 -14.78 28.92
N ILE D 43 1.16 -14.94 29.71
CA ILE D 43 -0.11 -15.35 29.17
C ILE D 43 -0.92 -14.20 28.58
N LEU D 44 -0.52 -12.98 28.94
CA LEU D 44 -1.07 -11.80 28.32
C LEU D 44 -0.61 -11.82 26.87
N MET D 45 0.70 -11.96 26.66
CA MET D 45 1.26 -11.98 25.30
C MET D 45 0.64 -13.11 24.48
N TRP D 46 0.33 -14.21 25.16
CA TRP D 46 -0.26 -15.36 24.49
C TRP D 46 -1.70 -15.07 24.07
N LEU D 47 -2.45 -14.42 24.95
CA LEU D 47 -3.84 -14.13 24.69
C LEU D 47 -3.97 -13.16 23.52
N VAL D 48 -3.04 -12.23 23.44
CA VAL D 48 -3.00 -11.29 22.33
C VAL D 48 -2.62 -12.02 21.05
N GLY D 49 -1.51 -12.76 21.12
CA GLY D 49 -1.07 -13.65 20.04
C GLY D 49 -2.23 -14.54 19.52
N LEU D 50 -3.08 -14.97 20.42
CA LEU D 50 -4.27 -15.76 20.04
C LEU D 50 -5.30 -14.91 19.31
N GLN D 51 -5.48 -13.68 19.79
CA GLN D 51 -6.44 -12.77 19.19
C GLN D 51 -6.02 -12.45 17.77
N ASN D 52 -4.70 -12.29 17.54
CA ASN D 52 -4.15 -12.01 16.21
C ASN D 52 -4.42 -13.17 15.26
N VAL D 53 -4.13 -14.38 15.71
CA VAL D 53 -4.35 -15.57 14.88
C VAL D 53 -5.84 -15.75 14.55
N PHE D 54 -6.68 -15.54 15.55
CA PHE D 54 -8.13 -15.71 15.40
C PHE D 54 -8.63 -14.65 14.41
N SER D 55 -8.11 -13.44 14.56
CA SER D 55 -8.57 -12.32 13.74
C SER D 55 -8.19 -12.49 12.25
N HIS D 56 -6.94 -12.91 11.99
CA HIS D 56 -6.49 -13.12 10.61
C HIS D 56 -7.27 -14.22 9.92
N GLN D 57 -7.64 -15.25 10.66
CA GLN D 57 -8.20 -16.47 10.07
C GLN D 57 -9.71 -16.53 9.96
N LEU D 58 -10.38 -15.63 10.67
CA LEU D 58 -11.83 -15.60 10.69
C LEU D 58 -12.33 -14.21 10.36
N PRO D 59 -12.51 -13.93 9.07
CA PRO D 59 -12.91 -12.58 8.63
C PRO D 59 -14.30 -12.19 9.16
N ARG D 60 -15.17 -13.20 9.24
CA ARG D 60 -16.58 -12.97 9.59
C ARG D 60 -16.79 -12.64 11.06
N MET D 61 -15.69 -12.54 11.80
CA MET D 61 -15.73 -12.12 13.19
C MET D 61 -14.85 -10.90 13.36
N PRO D 62 -15.46 -9.76 13.78
CA PRO D 62 -14.74 -8.49 13.99
C PRO D 62 -13.72 -8.60 15.14
N LYS D 63 -12.59 -7.92 14.97
CA LYS D 63 -11.46 -8.05 15.89
C LYS D 63 -11.84 -7.78 17.34
N GLU D 64 -12.73 -6.82 17.53
CA GLU D 64 -13.09 -6.38 18.87
C GLU D 64 -13.98 -7.41 19.57
N TYR D 65 -14.83 -8.08 18.80
CA TYR D 65 -15.61 -9.19 19.32
C TYR D 65 -14.64 -10.31 19.83
N ILE D 66 -13.73 -10.73 18.95
CA ILE D 66 -12.74 -11.75 19.31
C ILE D 66 -12.01 -11.36 20.60
N THR D 67 -11.59 -10.09 20.68
CA THR D 67 -10.88 -9.59 21.85
C THR D 67 -11.76 -9.78 23.09
N ARG D 68 -13.04 -9.46 22.94
CA ARG D 68 -13.95 -9.47 24.07
C ARG D 68 -14.11 -10.89 24.63
N LEU D 69 -14.33 -11.84 23.72
CA LEU D 69 -14.54 -13.21 24.15
C LEU D 69 -13.28 -13.89 24.65
N VAL D 70 -12.19 -13.63 23.93
CA VAL D 70 -10.92 -14.24 24.31
C VAL D 70 -10.54 -13.89 25.77
N PHE D 71 -10.69 -12.62 26.09
CA PHE D 71 -10.34 -12.12 27.43
C PHE D 71 -11.43 -12.28 28.47
N ASP D 72 -12.52 -12.91 28.07
CA ASP D 72 -13.65 -13.08 28.95
C ASP D 72 -13.42 -14.24 29.92
N PRO D 73 -13.64 -13.98 31.22
CA PRO D 73 -13.24 -14.89 32.31
C PRO D 73 -14.02 -16.20 32.32
N LYS D 74 -15.08 -16.28 31.52
CA LYS D 74 -15.82 -17.51 31.36
C LYS D 74 -15.39 -18.31 30.11
N HIS D 75 -14.58 -17.67 29.28
CA HIS D 75 -13.98 -18.32 28.13
C HIS D 75 -12.54 -18.73 28.42
N LYS D 76 -12.22 -19.98 28.10
CA LYS D 76 -10.81 -20.41 28.13
C LYS D 76 -10.33 -20.63 26.72
N THR D 77 -9.02 -20.74 26.55
CA THR D 77 -8.47 -20.93 25.21
C THR D 77 -7.35 -21.92 25.30
N LEU D 78 -7.31 -22.83 24.32
CA LEU D 78 -6.22 -23.77 24.19
C LEU D 78 -5.16 -23.18 23.22
N ALA D 79 -4.03 -22.74 23.77
CA ALA D 79 -2.94 -22.18 22.96
C ALA D 79 -1.98 -23.25 22.45
N LEU D 80 -1.71 -23.24 21.15
CA LEU D 80 -0.58 -23.94 20.55
C LEU D 80 0.63 -23.02 20.37
N ILE D 81 1.62 -23.15 21.24
CA ILE D 81 2.85 -22.39 21.11
C ILE D 81 3.87 -23.18 20.28
N LYS D 82 4.59 -22.45 19.43
CA LYS D 82 5.69 -23.03 18.70
C LYS D 82 6.90 -22.12 18.85
N ASP D 83 7.91 -22.61 19.58
CA ASP D 83 9.17 -21.89 19.71
C ASP D 83 8.97 -20.47 20.27
N GLY D 84 7.98 -20.33 21.15
CA GLY D 84 7.76 -19.08 21.85
C GLY D 84 6.50 -18.35 21.42
N ARG D 85 5.97 -18.74 20.27
CA ARG D 85 4.96 -17.97 19.58
C ARG D 85 3.69 -18.76 19.34
N VAL D 86 2.56 -18.05 19.51
CA VAL D 86 1.27 -18.65 19.26
C VAL D 86 1.13 -18.86 17.76
N ILE D 87 0.77 -20.07 17.37
CA ILE D 87 0.50 -20.39 15.96
C ILE D 87 -0.89 -21.01 15.75
N GLY D 88 -1.69 -21.08 16.81
CA GLY D 88 -2.96 -21.76 16.75
C GLY D 88 -3.65 -21.84 18.10
N GLY D 89 -4.96 -22.05 18.04
CA GLY D 89 -5.73 -22.03 19.25
C GLY D 89 -7.15 -22.47 19.07
N ILE D 90 -7.78 -22.82 20.19
CA ILE D 90 -9.20 -23.10 20.20
C ILE D 90 -9.80 -22.42 21.41
N CYS D 91 -10.60 -21.38 21.18
CA CYS D 91 -11.33 -20.72 22.27
C CYS D 91 -12.62 -21.49 22.52
N PHE D 92 -12.87 -21.84 23.78
CA PHE D 92 -14.09 -22.53 24.14
C PHE D 92 -14.69 -21.98 25.41
N ARG D 93 -15.98 -22.22 25.59
CA ARG D 93 -16.61 -21.88 26.84
C ARG D 93 -17.25 -23.17 27.36
N MET D 94 -16.91 -23.53 28.59
CA MET D 94 -17.43 -24.77 29.20
C MET D 94 -18.82 -24.60 29.81
N PHE D 95 -19.71 -25.54 29.51
CA PHE D 95 -21.06 -25.54 30.06
C PHE D 95 -21.30 -26.81 30.88
N PRO D 96 -20.72 -26.85 32.07
CA PRO D 96 -20.85 -28.03 32.94
C PRO D 96 -22.29 -28.24 33.41
N SER D 97 -23.05 -27.16 33.51
CA SER D 97 -24.45 -27.23 33.95
C SER D 97 -25.34 -27.72 32.81
N GLN D 98 -24.78 -27.81 31.61
CA GLN D 98 -25.54 -28.26 30.45
C GLN D 98 -25.14 -29.69 30.06
N GLY D 99 -23.85 -29.87 29.77
CA GLY D 99 -23.35 -31.18 29.38
C GLY D 99 -22.56 -31.13 28.09
N PHE D 100 -22.14 -29.93 27.69
CA PHE D 100 -21.38 -29.75 26.49
C PHE D 100 -20.41 -28.60 26.66
N THR D 101 -19.49 -28.48 25.72
CA THR D 101 -18.66 -27.29 25.61
C THR D 101 -18.88 -26.63 24.26
N GLU D 102 -19.08 -25.30 24.29
CA GLU D 102 -19.31 -24.55 23.06
C GLU D 102 -18.00 -24.07 22.45
N ILE D 103 -17.79 -24.40 21.18
CA ILE D 103 -16.58 -24.02 20.48
C ILE D 103 -16.76 -22.69 19.75
N VAL D 104 -16.14 -21.65 20.27
CA VAL D 104 -16.23 -20.32 19.68
C VAL D 104 -15.33 -20.11 18.46
N PHE D 105 -14.04 -19.93 18.70
CA PHE D 105 -13.07 -19.78 17.64
C PHE D 105 -12.07 -20.94 17.69
N CYS D 106 -11.59 -21.31 16.52
CA CYS D 106 -10.34 -22.08 16.42
C CYS D 106 -9.70 -21.80 15.08
N ALA D 107 -8.38 -21.87 15.06
CA ALA D 107 -7.62 -21.46 13.91
C ALA D 107 -6.16 -21.89 14.05
N VAL D 108 -5.53 -22.09 12.89
CA VAL D 108 -4.08 -22.22 12.84
C VAL D 108 -3.55 -21.14 11.94
N THR D 109 -2.48 -20.48 12.38
CA THR D 109 -1.85 -19.46 11.57
C THR D 109 -1.47 -20.10 10.24
N SER D 110 -1.28 -19.26 9.22
CA SER D 110 -1.28 -19.73 7.84
C SER D 110 -0.05 -20.49 7.38
N ASN D 111 1.10 -20.09 7.89
CA ASN D 111 2.33 -20.83 7.70
C ASN D 111 2.16 -22.32 7.99
N GLU D 112 1.34 -22.60 8.99
CA GLU D 112 1.37 -23.87 9.68
C GLU D 112 0.14 -24.75 9.45
N GLN D 113 -0.67 -24.36 8.47
CA GLN D 113 -1.88 -25.12 8.14
C GLN D 113 -1.56 -26.35 7.29
N VAL D 114 -2.38 -27.38 7.41
CA VAL D 114 -2.19 -28.61 6.67
C VAL D 114 -0.98 -29.39 7.20
N LYS D 115 -0.75 -29.29 8.50
CA LYS D 115 0.36 -29.98 9.14
C LYS D 115 -0.11 -30.83 10.31
N GLY D 116 -1.40 -31.15 10.32
CA GLY D 116 -1.98 -31.96 11.38
C GLY D 116 -2.02 -31.22 12.71
N TYR D 117 -1.71 -29.92 12.67
CA TYR D 117 -1.70 -29.09 13.88
C TYR D 117 -3.08 -28.88 14.53
N GLY D 118 -4.09 -28.67 13.70
CA GLY D 118 -5.43 -28.42 14.20
C GLY D 118 -6.12 -29.71 14.61
N THR D 119 -5.67 -30.81 14.03
CA THR D 119 -6.15 -32.12 14.44
C THR D 119 -5.58 -32.42 15.84
N HIS D 120 -4.32 -32.09 16.03
CA HIS D 120 -3.68 -32.23 17.35
C HIS D 120 -4.42 -31.42 18.41
N LEU D 121 -4.65 -30.15 18.09
CA LEU D 121 -5.32 -29.22 19.01
C LEU D 121 -6.66 -29.79 19.46
N MET D 122 -7.42 -30.30 18.49
CA MET D 122 -8.76 -30.74 18.77
C MET D 122 -8.71 -32.04 19.58
N ASN D 123 -7.80 -32.92 19.20
CA ASN D 123 -7.55 -34.14 19.97
C ASN D 123 -7.26 -33.82 21.44
N HIS D 124 -6.31 -32.90 21.65
CA HIS D 124 -5.93 -32.50 23.00
C HIS D 124 -7.09 -31.83 23.76
N LEU D 125 -7.89 -31.06 23.04
CA LEU D 125 -9.08 -30.46 23.61
C LEU D 125 -10.03 -31.56 24.11
N LYS D 126 -10.14 -32.64 23.33
CA LYS D 126 -10.98 -33.78 23.69
C LYS D 126 -10.54 -34.42 25.00
N GLU D 127 -9.22 -34.62 25.12
CA GLU D 127 -8.61 -35.18 26.33
C GLU D 127 -8.92 -34.32 27.55
N TYR D 128 -8.68 -33.02 27.42
CA TYR D 128 -8.93 -32.07 28.51
C TYR D 128 -10.34 -32.21 29.08
N HIS D 129 -11.30 -32.48 28.20
CA HIS D 129 -12.70 -32.46 28.57
C HIS D 129 -13.18 -33.78 29.13
N ILE D 130 -12.69 -34.87 28.56
CA ILE D 130 -12.88 -36.18 29.15
C ILE D 130 -12.39 -36.16 30.61
N LYS D 131 -11.20 -35.58 30.81
CA LYS D 131 -10.65 -35.44 32.16
C LYS D 131 -11.47 -34.49 33.01
N HIS D 132 -12.53 -33.95 32.41
CA HIS D 132 -13.36 -32.96 33.08
C HIS D 132 -14.84 -33.25 32.96
N ASP D 133 -15.13 -34.43 32.42
CA ASP D 133 -16.49 -34.97 32.44
C ASP D 133 -17.52 -34.10 31.66
N ILE D 134 -17.12 -33.66 30.47
CA ILE D 134 -18.04 -33.01 29.55
C ILE D 134 -17.82 -33.64 28.19
N LEU D 135 -18.80 -34.43 27.76
CA LEU D 135 -18.60 -35.35 26.65
C LEU D 135 -18.91 -34.77 25.28
N ASN D 136 -19.83 -33.81 25.23
CA ASN D 136 -20.28 -33.28 23.95
C ASN D 136 -19.59 -31.97 23.60
N PHE D 137 -19.24 -31.82 22.32
CA PHE D 137 -18.76 -30.55 21.78
C PHE D 137 -19.77 -29.97 20.81
N LEU D 138 -20.09 -28.71 20.98
CA LEU D 138 -20.94 -28.01 20.01
C LEU D 138 -20.18 -26.89 19.35
N THR D 139 -20.46 -26.66 18.08
CA THR D 139 -19.93 -25.49 17.38
C THR D 139 -20.88 -25.02 16.31
N TYR D 140 -20.84 -23.72 15.99
CA TYR D 140 -21.48 -23.20 14.80
C TYR D 140 -20.41 -23.03 13.73
N ALA D 141 -20.40 -23.96 12.79
CA ALA D 141 -19.30 -24.06 11.83
C ALA D 141 -19.56 -23.28 10.53
N ASP D 142 -18.54 -22.54 10.09
CA ASP D 142 -18.67 -21.68 8.94
C ASP D 142 -18.37 -22.41 7.65
N GLU D 143 -18.94 -21.90 6.56
CA GLU D 143 -19.20 -22.68 5.37
C GLU D 143 -18.04 -23.48 4.82
N TYR D 144 -16.84 -23.11 5.28
CA TYR D 144 -15.62 -23.55 4.64
C TYR D 144 -14.81 -24.52 5.47
N ALA D 145 -15.22 -24.71 6.72
CA ALA D 145 -14.50 -25.57 7.63
C ALA D 145 -15.38 -26.73 8.11
N ILE D 146 -16.63 -26.74 7.62
CA ILE D 146 -17.48 -27.89 7.71
C ILE D 146 -16.65 -29.12 7.32
N GLY D 147 -15.82 -28.95 6.28
CA GLY D 147 -14.90 -29.99 5.87
C GLY D 147 -14.03 -30.46 7.03
N TYR D 148 -13.45 -29.52 7.78
CA TYR D 148 -12.47 -29.84 8.81
C TYR D 148 -13.07 -30.47 10.07
N PHE D 149 -14.27 -30.03 10.44
CA PHE D 149 -14.95 -30.54 11.62
C PHE D 149 -15.49 -31.95 11.36
N LYS D 150 -16.00 -32.17 10.15
CA LYS D 150 -16.55 -33.47 9.78
C LYS D 150 -15.55 -34.58 10.04
N LYS D 151 -14.27 -34.29 9.84
CA LYS D 151 -13.21 -35.27 10.07
C LYS D 151 -13.02 -35.56 11.55
N GLN D 152 -13.08 -34.51 12.36
CA GLN D 152 -12.92 -34.66 13.80
C GLN D 152 -14.19 -35.18 14.45
N GLY D 153 -14.85 -36.12 13.78
CA GLY D 153 -16.07 -36.71 14.29
C GLY D 153 -17.27 -35.78 14.20
N PHE D 154 -16.99 -34.49 14.14
CA PHE D 154 -18.05 -33.48 14.06
C PHE D 154 -19.09 -33.86 13.01
N SER D 155 -20.32 -33.41 13.22
CA SER D 155 -21.42 -33.69 12.29
C SER D 155 -22.44 -32.57 12.29
N LYS D 156 -23.55 -32.79 11.60
CA LYS D 156 -24.61 -31.78 11.52
C LYS D 156 -25.79 -32.17 12.41
N GLU D 157 -26.03 -33.46 12.55
CA GLU D 157 -27.13 -33.96 13.37
C GLU D 157 -26.71 -34.05 14.84
N ILE D 158 -27.38 -33.28 15.69
CA ILE D 158 -27.08 -33.26 17.12
C ILE D 158 -27.87 -34.34 17.85
N LYS D 159 -27.27 -34.90 18.91
CA LYS D 159 -27.92 -35.93 19.70
C LYS D 159 -28.28 -35.42 21.09
N ILE D 160 -27.86 -34.19 21.39
CA ILE D 160 -28.13 -33.60 22.67
C ILE D 160 -29.25 -32.57 22.54
N PRO D 161 -30.30 -32.71 23.35
CA PRO D 161 -31.59 -32.04 23.14
C PRO D 161 -31.49 -30.53 22.93
N LYS D 162 -32.23 -30.03 21.95
CA LYS D 162 -32.20 -28.63 21.60
C LYS D 162 -32.35 -27.73 22.83
N THR D 163 -33.12 -28.20 23.80
CA THR D 163 -33.40 -27.41 24.99
C THR D 163 -32.18 -27.27 25.91
N LYS D 164 -31.20 -28.13 25.68
CA LYS D 164 -29.97 -28.09 26.47
C LYS D 164 -29.10 -26.89 26.15
N TYR D 165 -29.01 -26.57 24.85
CA TYR D 165 -27.99 -25.66 24.36
C TYR D 165 -28.51 -24.34 23.81
N VAL D 166 -29.71 -24.38 23.24
CA VAL D 166 -30.29 -23.18 22.64
C VAL D 166 -30.33 -22.04 23.63
N GLY D 167 -29.80 -20.89 23.23
CA GLY D 167 -29.84 -19.72 24.07
C GLY D 167 -28.76 -19.71 25.13
N TYR D 168 -28.14 -20.88 25.34
CA TYR D 168 -26.86 -20.95 26.02
C TYR D 168 -25.77 -20.68 24.99
N ILE D 169 -25.83 -21.42 23.88
CA ILE D 169 -24.90 -21.21 22.77
C ILE D 169 -25.21 -19.91 22.02
N LYS D 170 -24.26 -19.46 21.20
CA LYS D 170 -24.46 -18.25 20.40
C LYS D 170 -24.59 -18.62 18.92
N ASP D 171 -25.78 -18.37 18.37
CA ASP D 171 -26.03 -18.64 16.96
C ASP D 171 -25.18 -17.72 16.07
N TYR D 172 -24.54 -18.29 15.05
CA TYR D 172 -23.69 -17.53 14.15
C TYR D 172 -24.24 -17.62 12.73
N GLU D 173 -24.31 -16.46 12.10
CA GLU D 173 -25.16 -16.28 10.93
C GLU D 173 -24.66 -16.98 9.70
N GLY D 174 -25.47 -17.92 9.19
CA GLY D 174 -25.06 -18.67 8.02
C GLY D 174 -23.85 -19.55 8.30
N ALA D 175 -23.64 -19.86 9.58
CA ALA D 175 -22.81 -20.99 9.96
C ALA D 175 -23.76 -22.19 10.11
N THR D 176 -23.21 -23.39 10.01
CA THR D 176 -23.95 -24.61 10.32
C THR D 176 -23.59 -25.12 11.73
N LEU D 177 -24.62 -25.34 12.55
CA LEU D 177 -24.42 -25.97 13.85
C LEU D 177 -23.95 -27.43 13.68
N MET D 178 -22.99 -27.82 14.51
CA MET D 178 -22.42 -29.16 14.44
C MET D 178 -22.10 -29.68 15.82
N GLY D 179 -21.94 -30.99 15.94
CA GLY D 179 -21.64 -31.61 17.22
C GLY D 179 -21.15 -33.04 17.12
N CYS D 180 -20.35 -33.44 18.09
CA CYS D 180 -19.79 -34.80 18.12
C CYS D 180 -19.35 -35.19 19.52
N GLU D 181 -19.41 -36.49 19.82
CA GLU D 181 -19.01 -36.99 21.12
C GLU D 181 -17.61 -37.61 21.06
N LEU D 182 -16.92 -37.58 22.19
CA LEU D 182 -15.57 -38.14 22.27
C LEU D 182 -15.49 -39.22 23.35
N ASN D 183 -14.88 -40.35 22.99
CA ASN D 183 -14.74 -41.47 23.92
C ASN D 183 -13.92 -41.09 25.15
N PRO D 184 -13.82 -42.01 26.10
CA PRO D 184 -13.06 -41.77 27.33
C PRO D 184 -11.88 -40.84 27.10
N1A COA E . 3.52 8.88 5.05
C2A COA E . 2.55 9.77 5.38
N3A COA E . 2.76 11.10 5.32
C4A COA E . 3.97 11.54 4.91
C5A COA E . 4.99 10.65 4.55
C6A COA E . 4.74 9.29 4.64
N6A COA E . 5.80 8.34 4.32
N7A COA E . 6.08 11.36 4.19
C8A COA E . 5.76 12.67 4.30
N9A COA E . 4.50 12.78 4.76
C1B COA E . 3.73 14.00 4.97
C2B COA E . 2.29 14.07 4.50
O2B COA E . 2.23 14.35 3.11
C3B COA E . 1.87 15.20 5.24
O3B COA E . 2.47 16.38 4.65
P3B COA E . 1.73 17.83 4.64
O7A COA E . 1.26 18.14 3.24
O8A COA E . 2.69 18.83 5.09
O9A COA E . 0.52 17.82 5.59
C4B COA E . 2.42 15.03 6.54
O4B COA E . 3.65 14.26 6.34
C5B COA E . 1.49 14.31 7.41
O5B COA E . 0.24 13.90 6.79
P1A COA E . -0.70 12.95 7.58
O1A COA E . -2.12 13.07 7.08
O2A COA E . -0.66 13.37 9.05
O3A COA E . -0.23 11.47 7.49
P2A COA E . -1.03 10.30 8.23
O4A COA E . -2.35 10.88 8.86
O5A COA E . -1.37 9.22 7.20
O6A COA E . -0.04 9.66 9.31
CBP COA E . 1.84 7.96 9.15
CCP COA E . 1.32 9.45 8.89
CDP COA E . 3.25 7.83 8.58
CEP COA E . 1.88 7.63 10.64
CAP COA E . 0.88 7.00 8.45
OAP COA E . 0.82 7.23 7.06
C9P COA E . 1.24 5.52 8.69
O9P COA E . 0.62 4.84 9.55
N8P COA E . 2.26 4.85 7.83
C7P COA E . 2.51 3.40 8.03
C6P COA E . 3.40 3.00 9.19
C5P COA E . 4.63 3.80 9.38
O5P COA E . 5.34 4.11 8.33
N4P COA E . 5.04 4.28 10.70
C3P COA E . 6.37 4.93 10.90
C2P COA E . 6.29 6.43 11.25
S1P COA E . 4.84 7.02 12.13
N1A COA F . -3.35 -13.12 -22.57
C2A COA F . -2.21 -13.86 -22.40
N3A COA F . -2.24 -15.07 -21.79
C4A COA F . -3.44 -15.56 -21.34
C5A COA F . -4.63 -14.82 -21.50
C6A COA F . -4.55 -13.57 -22.14
N6A COA F . -5.78 -12.78 -22.31
N7A COA F . -5.67 -15.53 -20.98
C8A COA F . -5.15 -16.69 -20.51
N9A COA F . -3.81 -16.70 -20.71
C1B COA F . -2.86 -17.75 -20.33
C2B COA F . -1.65 -17.99 -21.24
O2B COA F . -2.00 -18.84 -22.32
C3B COA F . -0.81 -18.66 -20.32
O3B COA F . -1.22 -20.06 -20.21
P3B COA F . -0.16 -21.29 -20.16
O7A COA F . 0.19 -21.69 -21.57
O8A COA F . -0.80 -22.40 -19.46
O9A COA F . 1.09 -20.86 -19.37
C4B COA F . -0.97 -18.04 -19.04
O4B COA F . -2.33 -17.49 -19.07
C5B COA F . 0.04 -16.99 -18.83
O5B COA F . 0.88 -16.59 -19.97
P1A COA F . 1.76 -15.31 -19.88
O1A COA F . 3.03 -15.45 -20.67
O2A COA F . 2.21 -15.20 -18.41
O3A COA F . 0.90 -14.08 -20.30
P2A COA F . 1.60 -12.65 -20.60
O4A COA F . 3.11 -12.73 -20.21
O5A COA F . 1.54 -12.29 -22.08
O6A COA F . 0.87 -11.55 -19.74
CBP COA F . -1.42 -10.40 -19.58
CCP COA F . -0.54 -11.75 -19.50
CDP COA F . -2.92 -10.74 -19.47
CEP COA F . -1.01 -9.47 -18.41
CAP COA F . -1.13 -9.75 -20.95
OAP COA F . -1.71 -10.46 -22.00
C9P COA F . -1.65 -8.28 -21.04
O9P COA F . -0.99 -7.30 -20.64
N8P COA F . -2.92 -8.00 -21.77
C7P COA F . -3.35 -6.58 -21.93
C6P COA F . -4.19 -6.01 -20.80
C5P COA F . -4.92 -6.97 -19.94
O5P COA F . -5.62 -7.92 -20.47
N4P COA F . -4.84 -6.89 -18.47
C3P COA F . -5.63 -7.85 -17.65
C2P COA F . -5.18 -8.01 -16.19
S1P COA F . -3.62 -8.85 -15.89
N1A COA G . 0.30 18.67 -39.85
C2A COA G . -0.54 19.65 -39.45
N3A COA G . -0.63 20.79 -40.15
C4A COA G . 0.10 20.96 -41.27
C5A COA G . 0.98 19.96 -41.72
C6A COA G . 1.07 18.78 -40.96
N6A COA G . 1.99 17.72 -41.35
N7A COA G . 1.60 20.38 -42.86
C8A COA G . 1.12 21.61 -43.14
N9A COA G . 0.23 21.97 -42.18
C1B COA G . -0.52 23.21 -42.08
C2B COA G . -2.04 23.12 -41.92
O2B COA G . -2.69 22.92 -43.17
C3B COA G . -2.30 24.42 -41.44
O3B COA G . -2.48 25.32 -42.58
P3B COA G . -3.90 26.03 -42.88
O7A COA G . -4.96 24.98 -43.01
O8A COA G . -3.77 26.77 -44.12
O9A COA G . -4.25 26.98 -41.73
C4B COA G . -1.16 24.85 -40.67
O4B COA G . -0.05 23.96 -40.99
C5B COA G . -1.44 24.81 -39.22
O5B COA G . -2.60 24.02 -38.81
P1A COA G . -2.74 23.64 -37.30
O1A COA G . -4.19 23.48 -36.91
O2A COA G . -2.10 24.75 -36.45
O3A COA G . -1.98 22.28 -37.09
P2A COA G . -2.18 21.50 -35.69
O4A COA G . -2.80 22.45 -34.60
O5A COA G . -3.05 20.25 -35.90
O6A COA G . -0.76 20.99 -35.23
CBP COA G . 1.03 19.28 -35.86
CCP COA G . 0.21 20.61 -36.24
CDP COA G . 1.85 18.83 -37.06
CEP COA G . 1.94 19.60 -34.67
CAP COA G . 0.02 18.17 -35.48
OAP COA G . -0.71 17.74 -36.59
C9P COA G . 0.66 16.92 -34.79
O9P COA G . 0.93 16.88 -33.54
N8P COA G . 0.81 15.69 -35.62
C7P COA G . 1.41 14.46 -34.98
C6P COA G . 2.88 14.49 -34.62
C5P COA G . 3.75 15.35 -35.47
O5P COA G . 3.64 15.27 -36.77
N4P COA G . 4.73 16.26 -34.86
C3P COA G . 5.63 17.01 -35.77
C2P COA G . 6.43 18.15 -35.14
S1P COA G . 5.45 19.62 -34.91
N1A COA H . -7.62 -26.39 6.13
C2A COA H . -6.75 -27.40 6.38
N3A COA H . -7.17 -28.68 6.42
C4A COA H . -8.48 -28.97 6.19
C5A COA H . -9.41 -27.94 5.93
C6A COA H . -8.95 -26.60 5.91
N6A COA H . -9.89 -25.49 5.69
N7A COA H . -10.64 -28.50 5.75
C8A COA H . -10.51 -29.84 5.87
N9A COA H . -9.22 -30.13 6.15
C1B COA H . -8.63 -31.45 6.38
C2B COA H . -7.18 -31.69 5.96
O2B COA H . -7.07 -32.10 4.60
C3B COA H . -6.80 -32.74 6.84
O3B COA H . -7.13 -34.02 6.24
P3B COA H . -6.13 -35.28 6.35
O7A COA H . -5.22 -35.28 5.16
O8A COA H . -6.93 -36.49 6.40
O9A COA H . -5.30 -35.16 7.63
C4B COA H . -7.54 -32.58 8.06
O4B COA H . -8.74 -31.81 7.72
C5B COA H . -6.77 -31.84 9.06
O5B COA H . -5.56 -31.18 8.58
P1A COA H . -4.82 -30.20 9.56
O1A COA H . -3.40 -30.04 9.10
O2A COA H . -4.86 -30.80 10.99
O3A COA H . -5.59 -28.83 9.58
P2A COA H . -4.75 -27.48 9.87
O4A COA H . -3.41 -27.77 10.64
O5A COA H . -4.44 -26.74 8.55
O6A COA H . -5.72 -26.53 10.74
CBP COA H . -7.88 -25.21 10.32
CCP COA H . -7.13 -26.63 10.47
CDP COA H . -9.05 -25.36 9.33
CEP COA H . -8.40 -24.75 11.69
CAP COA H . -6.90 -24.16 9.74
OAP COA H . -6.63 -24.40 8.38
C9P COA H . -7.43 -22.72 9.91
O9P COA H . -7.06 -21.97 10.85
N8P COA H . -8.32 -22.16 8.86
C7P COA H . -8.80 -20.74 8.95
C6P COA H . -9.98 -20.52 9.88
C5P COA H . -10.89 -21.68 10.05
O5P COA H . -11.36 -22.32 9.03
N4P COA H . -11.28 -22.13 11.38
C3P COA H . -12.27 -23.25 11.49
C2P COA H . -12.50 -23.80 12.91
S1P COA H . -11.16 -24.73 13.66
#